data_5X9Y
#
_entry.id   5X9Y
#
_cell.length_a   126.929
_cell.length_b   145.253
_cell.length_c   176.769
_cell.angle_alpha   90.00
_cell.angle_beta   90.00
_cell.angle_gamma   90.00
#
_symmetry.space_group_name_H-M   'I 21 21 21'
#
loop_
_entity.id
_entity.type
_entity.pdbx_description
1 polymer 'DNA mismatch repair protein MutL'
2 non-polymer DI(HYDROXYETHYL)ETHER
3 water water
#
_entity_poly.entity_id   1
_entity_poly.type   'polypeptide(L)'
_entity_poly.pdbx_seq_one_letter_code
;MEVRKVIAAGEVIESPVDVVKELVENSLDAKATKVEVEIVKGGKRLIRVKDNGTGIHPEDVEKVVLQGATSKIETEKDLM
NISTYGFRGEALYSISSVSKFKLRSRFFQEKEGKEIEVEAGNILGTRRVGMPVGTEVEVRDLFFNLPVRRKFLKKEDTER
RKVLELIKEYALTNPEVEFTLFSEGRETLKLKKSSLKERVEEVFQTKTEELYAEREGITLRAFVSRNQRQGKYYVFINKR
PIQNKNLKEFLRKVFGYKTLVVLYAELPPFMVDFNVHPKKKEVNILKERKFLELVRELAGKEKPIVDI
;
_entity_poly.pdbx_strand_id   C,A,B
#
loop_
_chem_comp.id
_chem_comp.type
_chem_comp.name
_chem_comp.formula
PEG non-polymer DI(HYDROXYETHYL)ETHER 'C4 H10 O3'
#
# COMPACT_ATOMS: atom_id res chain seq x y z
N VAL A 12 11.82 17.85 -26.31
CA VAL A 12 11.15 16.92 -25.40
C VAL A 12 9.69 16.76 -25.82
N ILE A 13 9.27 17.52 -26.82
CA ILE A 13 7.86 17.61 -27.16
C ILE A 13 7.59 17.03 -28.54
N GLU A 14 7.89 17.79 -29.59
CA GLU A 14 8.10 17.28 -30.94
C GLU A 14 6.79 16.83 -31.58
N SER A 15 5.77 16.60 -30.75
CA SER A 15 4.54 15.97 -31.19
C SER A 15 3.41 16.50 -30.32
N PRO A 16 2.16 16.47 -30.83
CA PRO A 16 1.02 16.74 -29.94
C PRO A 16 0.82 15.70 -28.85
N VAL A 17 1.15 14.43 -29.12
CA VAL A 17 0.87 13.38 -28.15
C VAL A 17 1.78 13.52 -26.93
N ASP A 18 2.95 14.13 -27.09
CA ASP A 18 3.80 14.44 -25.95
C ASP A 18 3.31 15.65 -25.18
N VAL A 19 2.65 16.60 -25.86
CA VAL A 19 1.96 17.68 -25.16
C VAL A 19 0.91 17.10 -24.21
N VAL A 20 -0.01 16.30 -24.75
CA VAL A 20 -1.07 15.72 -23.93
C VAL A 20 -0.49 14.74 -22.91
N LYS A 21 0.68 14.18 -23.18
CA LYS A 21 1.32 13.31 -22.19
C LYS A 21 1.75 14.13 -20.98
N GLU A 22 2.42 15.26 -21.21
CA GLU A 22 2.90 16.08 -20.10
C GLU A 22 1.75 16.69 -19.33
N LEU A 23 0.69 17.12 -20.02
CA LEU A 23 -0.40 17.82 -19.36
C LEU A 23 -1.28 16.86 -18.57
N VAL A 24 -1.53 15.67 -19.12
CA VAL A 24 -2.24 14.63 -18.36
C VAL A 24 -1.36 14.12 -17.22
N GLU A 25 -0.04 14.09 -17.42
CA GLU A 25 0.86 13.62 -16.36
C GLU A 25 0.82 14.57 -15.16
N ASN A 26 0.93 15.87 -15.41
CA ASN A 26 0.76 16.85 -14.35
C ASN A 26 -0.65 16.79 -13.76
N SER A 27 -1.65 16.49 -14.58
CA SER A 27 -3.03 16.44 -14.10
C SER A 27 -3.21 15.32 -13.09
N LEU A 28 -2.71 14.12 -13.41
CA LEU A 28 -2.83 13.00 -12.47
C LEU A 28 -1.92 13.20 -11.26
N ASP A 29 -0.78 13.87 -11.44
CA ASP A 29 0.03 14.29 -10.30
C ASP A 29 -0.71 15.26 -9.39
N ALA A 30 -1.75 15.92 -9.89
CA ALA A 30 -2.50 16.91 -9.13
C ALA A 30 -3.67 16.32 -8.37
N LYS A 31 -3.80 14.99 -8.36
CA LYS A 31 -4.96 14.30 -7.76
C LYS A 31 -6.25 14.68 -8.47
N ALA A 32 -6.20 14.78 -9.79
CA ALA A 32 -7.41 14.84 -10.59
C ALA A 32 -8.11 13.49 -10.60
N THR A 33 -9.43 13.51 -10.36
CA THR A 33 -10.29 12.38 -10.70
C THR A 33 -11.02 12.57 -12.03
N LYS A 34 -10.88 13.71 -12.69
CA LYS A 34 -11.49 13.93 -14.00
C LYS A 34 -10.48 14.63 -14.90
N VAL A 35 -10.15 14.00 -16.02
CA VAL A 35 -9.25 14.57 -17.02
C VAL A 35 -10.00 14.66 -18.35
N GLU A 36 -10.04 15.86 -18.93
CA GLU A 36 -10.71 16.10 -20.20
C GLU A 36 -9.67 16.57 -21.21
N VAL A 37 -9.50 15.81 -22.28
CA VAL A 37 -8.57 16.15 -23.36
C VAL A 37 -9.40 16.43 -24.61
N GLU A 38 -9.19 17.60 -25.20
CA GLU A 38 -9.73 17.92 -26.52
C GLU A 38 -8.58 18.24 -27.46
N ILE A 39 -8.57 17.57 -28.62
CA ILE A 39 -7.72 17.95 -29.73
C ILE A 39 -8.60 18.29 -30.92
N VAL A 40 -8.17 19.29 -31.70
CA VAL A 40 -8.47 19.37 -33.12
C VAL A 40 -7.16 19.55 -33.88
N LYS A 41 -7.04 18.89 -35.01
CA LYS A 41 -5.75 18.76 -35.69
C LYS A 41 -5.72 19.58 -36.98
N ARG A 45 -5.94 23.77 -35.32
CA ARG A 45 -5.11 23.14 -34.30
C ARG A 45 -5.39 23.73 -32.92
N LEU A 46 -5.77 22.88 -31.97
CA LEU A 46 -5.59 23.17 -30.56
C LEU A 46 -5.44 21.86 -29.79
N ILE A 47 -4.73 21.93 -28.67
CA ILE A 47 -4.75 20.90 -27.65
C ILE A 47 -5.23 21.50 -26.35
N ARG A 48 -6.21 20.85 -25.72
CA ARG A 48 -6.78 21.33 -24.47
C ARG A 48 -6.82 20.18 -23.46
N VAL A 49 -6.34 20.44 -22.25
CA VAL A 49 -6.42 19.49 -21.15
C VAL A 49 -7.02 20.20 -19.95
N LYS A 50 -8.20 19.74 -19.53
CA LYS A 50 -8.93 20.34 -18.42
C LYS A 50 -8.93 19.38 -17.24
N ASP A 51 -8.81 19.93 -16.03
CA ASP A 51 -8.21 19.23 -14.90
C ASP A 51 -9.13 19.30 -13.70
N ASN A 52 -9.20 18.20 -12.95
CA ASN A 52 -9.99 18.13 -11.73
C ASN A 52 -9.19 18.48 -10.48
N GLY A 53 -7.89 18.71 -10.62
CA GLY A 53 -6.95 18.51 -9.53
C GLY A 53 -6.88 19.70 -8.60
N THR A 54 -5.78 19.77 -7.85
CA THR A 54 -5.62 20.81 -6.85
C THR A 54 -5.34 22.17 -7.48
N GLY A 55 -4.76 22.20 -8.67
CA GLY A 55 -4.48 23.45 -9.34
C GLY A 55 -3.32 24.22 -8.71
N ILE A 56 -3.02 25.36 -9.32
CA ILE A 56 -1.82 26.12 -9.02
C ILE A 56 -2.18 27.31 -8.15
N HIS A 57 -1.34 27.59 -7.16
CA HIS A 57 -1.43 28.87 -6.46
C HIS A 57 -1.30 30.02 -7.46
N PRO A 58 -2.00 31.13 -7.23
CA PRO A 58 -1.90 32.28 -8.15
C PRO A 58 -0.49 32.84 -8.25
N GLU A 59 0.27 32.80 -7.16
CA GLU A 59 1.63 33.34 -7.20
C GLU A 59 2.54 32.53 -8.11
N ASP A 60 2.25 31.24 -8.28
CA ASP A 60 3.11 30.34 -9.04
C ASP A 60 2.66 30.19 -10.49
N VAL A 61 1.57 30.84 -10.90
CA VAL A 61 1.02 30.61 -12.23
C VAL A 61 1.99 31.13 -13.29
N GLU A 62 2.58 32.30 -13.06
CA GLU A 62 3.59 32.81 -13.98
C GLU A 62 4.93 32.09 -13.84
N LYS A 63 5.20 31.51 -12.67
CA LYS A 63 6.48 30.83 -12.47
C LYS A 63 6.54 29.51 -13.23
N VAL A 64 5.45 28.74 -13.21
CA VAL A 64 5.47 27.41 -13.80
C VAL A 64 5.52 27.46 -15.32
N VAL A 65 5.07 28.57 -15.92
CA VAL A 65 5.15 28.72 -17.37
C VAL A 65 6.56 29.05 -17.84
N LEU A 66 7.38 29.65 -16.97
CA LEU A 66 8.79 29.88 -17.29
C LEU A 66 9.70 29.21 -16.25
N TYR A 93 8.29 23.95 -16.06
CA TYR A 93 7.39 22.81 -16.00
C TYR A 93 6.75 22.54 -17.36
N SER A 94 5.87 23.45 -17.78
CA SER A 94 5.46 23.54 -19.18
C SER A 94 6.34 24.58 -19.86
N ILE A 95 7.23 24.12 -20.73
CA ILE A 95 7.60 24.85 -21.94
C ILE A 95 7.59 23.88 -23.12
N SER A 96 7.13 24.36 -24.28
CA SER A 96 5.79 24.09 -24.80
C SER A 96 4.75 25.11 -24.34
N SER A 97 5.16 25.98 -23.42
CA SER A 97 4.83 27.40 -23.46
C SER A 97 5.43 28.12 -24.66
N VAL A 98 6.29 27.46 -25.45
CA VAL A 98 6.24 27.60 -26.89
C VAL A 98 5.59 26.37 -27.52
N SER A 99 4.35 26.52 -27.97
CA SER A 99 3.94 27.63 -28.83
C SER A 99 2.51 28.08 -28.51
N LYS A 100 2.32 29.40 -28.45
CA LYS A 100 0.99 30.03 -28.52
C LYS A 100 0.07 29.57 -27.39
N PHE A 101 0.56 29.71 -26.16
CA PHE A 101 0.11 28.94 -25.02
C PHE A 101 -0.81 29.76 -24.13
N LYS A 102 -1.83 29.11 -23.58
CA LYS A 102 -2.72 29.75 -22.60
C LYS A 102 -3.04 28.76 -21.48
N LEU A 103 -2.89 29.21 -20.23
CA LEU A 103 -3.20 28.42 -19.05
C LEU A 103 -4.14 29.22 -18.15
N ARG A 104 -5.01 28.51 -17.44
CA ARG A 104 -5.69 29.06 -16.28
C ARG A 104 -5.84 28.00 -15.21
N SER A 105 -5.62 28.40 -13.95
CA SER A 105 -5.68 27.49 -12.81
C SER A 105 -6.31 28.20 -11.63
N ARG A 106 -7.21 27.52 -10.93
CA ARG A 106 -7.64 27.90 -9.59
C ARG A 106 -7.15 26.88 -8.59
N PHE A 107 -6.38 27.35 -7.60
CA PHE A 107 -6.04 26.53 -6.45
C PHE A 107 -7.27 26.32 -5.56
N PHE A 108 -7.32 25.17 -4.89
CA PHE A 108 -8.59 24.66 -4.38
C PHE A 108 -9.03 25.38 -3.11
N GLN A 109 -8.11 26.01 -2.38
CA GLN A 109 -8.46 26.91 -1.30
C GLN A 109 -8.47 28.37 -1.71
N GLU A 110 -8.16 28.69 -2.97
CA GLU A 110 -8.31 30.03 -3.49
C GLU A 110 -9.67 30.19 -4.16
N LYS A 111 -10.31 31.33 -3.90
CA LYS A 111 -11.63 31.60 -4.47
C LYS A 111 -11.57 32.14 -5.88
N GLU A 112 -10.38 32.44 -6.40
CA GLU A 112 -10.26 33.30 -7.56
C GLU A 112 -9.88 32.50 -8.81
N GLY A 113 -8.63 32.08 -8.91
CA GLY A 113 -8.12 31.51 -10.15
C GLY A 113 -7.54 32.57 -11.07
N LYS A 114 -6.59 32.14 -11.90
CA LYS A 114 -5.70 33.04 -12.63
C LYS A 114 -5.40 32.45 -13.99
N GLU A 115 -5.39 33.29 -15.01
CA GLU A 115 -5.08 32.88 -16.38
C GLU A 115 -3.88 33.67 -16.88
N ILE A 116 -2.89 32.96 -17.42
CA ILE A 116 -1.77 33.56 -18.13
C ILE A 116 -1.85 33.19 -19.60
N GLU A 117 -1.57 34.16 -20.46
CA GLU A 117 -1.45 33.93 -21.91
C GLU A 117 -0.05 34.31 -22.34
N VAL A 118 0.64 33.38 -22.99
CA VAL A 118 1.92 33.65 -23.62
C VAL A 118 1.84 33.29 -25.09
N GLU A 119 2.77 33.82 -25.87
CA GLU A 119 2.91 33.45 -27.27
C GLU A 119 4.40 33.27 -27.58
N ALA A 120 4.76 32.09 -28.07
CA ALA A 120 6.13 31.78 -28.48
C ALA A 120 7.14 32.00 -27.35
N GLY A 121 6.70 31.77 -26.11
CA GLY A 121 7.56 31.92 -24.96
C GLY A 121 7.58 33.31 -24.35
N ASN A 122 6.94 34.29 -24.96
CA ASN A 122 6.87 35.64 -24.44
C ASN A 122 5.46 35.93 -23.94
N ILE A 123 5.35 36.50 -22.75
CA ILE A 123 4.08 36.57 -22.04
C ILE A 123 3.24 37.69 -22.65
N LEU A 124 2.01 37.36 -23.04
CA LEU A 124 1.03 38.35 -23.47
C LEU A 124 0.17 38.86 -22.33
N GLY A 125 0.37 38.36 -21.11
CA GLY A 125 -0.18 38.97 -19.92
C GLY A 125 -1.32 38.15 -19.33
N THR A 126 -1.68 38.50 -18.10
CA THR A 126 -2.50 37.67 -17.24
C THR A 126 -3.78 38.41 -16.86
N ARG A 127 -4.78 37.63 -16.45
CA ARG A 127 -5.96 38.20 -15.80
C ARG A 127 -6.55 37.17 -14.85
N ARG A 128 -7.34 37.65 -13.90
CA ARG A 128 -8.10 36.77 -13.03
C ARG A 128 -9.39 36.32 -13.73
N VAL A 129 -9.79 35.08 -13.45
CA VAL A 129 -11.00 34.50 -14.04
C VAL A 129 -11.65 33.60 -13.00
N GLY A 130 -12.97 33.72 -12.86
CA GLY A 130 -13.74 32.74 -12.14
C GLY A 130 -13.74 31.41 -12.88
N MET A 131 -13.28 30.35 -12.22
CA MET A 131 -13.26 29.02 -12.80
C MET A 131 -13.46 28.01 -11.68
N PRO A 132 -13.90 26.80 -12.01
CA PRO A 132 -13.82 25.70 -11.03
C PRO A 132 -12.38 25.35 -10.71
N VAL A 133 -12.22 24.62 -9.60
CA VAL A 133 -10.89 24.21 -9.16
C VAL A 133 -10.28 23.28 -10.19
N GLY A 134 -9.08 23.62 -10.65
CA GLY A 134 -8.36 22.77 -11.58
C GLY A 134 -7.43 23.61 -12.43
N THR A 135 -7.10 23.05 -13.60
CA THR A 135 -6.31 23.75 -14.61
C THR A 135 -6.90 23.45 -15.97
N GLU A 136 -7.03 24.48 -16.81
CA GLU A 136 -7.11 24.31 -18.26
C GLU A 136 -5.84 24.83 -18.90
N VAL A 137 -5.34 24.07 -19.88
CA VAL A 137 -4.24 24.51 -20.74
C VAL A 137 -4.69 24.37 -22.19
N GLU A 138 -4.38 25.39 -22.99
CA GLU A 138 -4.68 25.40 -24.41
C GLU A 138 -3.42 25.72 -25.20
N VAL A 139 -3.27 25.06 -26.35
CA VAL A 139 -1.98 24.92 -27.05
C VAL A 139 -2.01 25.62 -28.40
N ARG A 140 -2.93 25.23 -29.28
CA ARG A 140 -3.48 26.15 -30.27
C ARG A 140 -2.44 26.62 -31.29
N ASP A 141 -2.19 25.80 -32.31
CA ASP A 141 -1.08 25.95 -33.25
C ASP A 141 0.25 25.78 -32.55
N LEU A 142 0.53 24.55 -32.14
CA LEU A 142 1.90 24.12 -31.89
C LEU A 142 2.79 24.42 -33.09
N PHE A 143 4.01 24.90 -32.79
CA PHE A 143 5.09 25.01 -33.77
C PHE A 143 4.74 26.01 -34.88
N PHE A 144 3.95 27.04 -34.54
CA PHE A 144 3.67 28.09 -35.51
C PHE A 144 4.89 28.96 -35.76
N ASN A 145 5.65 29.27 -34.70
CA ASN A 145 6.81 30.14 -34.80
C ASN A 145 8.07 29.38 -35.23
N LEU A 146 8.04 28.05 -35.16
CA LEU A 146 9.17 27.21 -35.57
C LEU A 146 8.64 26.24 -36.62
N PRO A 147 8.74 26.57 -37.91
CA PRO A 147 8.72 25.53 -38.93
C PRO A 147 9.91 24.61 -38.82
N VAL A 148 9.88 23.55 -39.64
CA VAL A 148 10.83 22.43 -39.70
C VAL A 148 10.81 21.64 -38.39
N ARG A 149 10.21 22.20 -37.35
CA ARG A 149 9.43 21.42 -36.40
C ARG A 149 8.04 21.10 -36.93
N ARG A 150 7.35 22.11 -37.46
CA ARG A 150 5.96 21.94 -37.85
C ARG A 150 5.82 21.03 -39.06
N LYS A 151 6.83 21.02 -39.93
CA LYS A 151 6.86 20.11 -41.07
C LYS A 151 7.26 18.69 -40.67
N PHE A 152 7.96 18.51 -39.54
CA PHE A 152 8.14 17.19 -38.98
C PHE A 152 6.84 16.56 -38.51
N LEU A 153 5.82 17.38 -38.22
CA LEU A 153 4.57 16.87 -37.68
C LEU A 153 3.87 15.99 -38.70
N LYS A 154 3.30 14.89 -38.21
CA LYS A 154 2.83 13.81 -39.08
C LYS A 154 1.46 14.17 -39.63
N LYS A 155 0.81 13.22 -40.29
CA LYS A 155 -0.52 13.45 -40.84
C LYS A 155 -1.53 13.68 -39.71
N GLU A 156 -2.63 14.36 -40.06
CA GLU A 156 -3.69 14.63 -39.09
C GLU A 156 -4.16 13.35 -38.41
N ASP A 157 -4.48 12.32 -39.19
CA ASP A 157 -5.03 11.09 -38.62
C ASP A 157 -4.01 10.40 -37.73
N THR A 158 -2.73 10.45 -38.11
CA THR A 158 -1.70 9.73 -37.36
C THR A 158 -1.53 10.29 -35.96
N GLU A 159 -1.43 11.63 -35.85
CA GLU A 159 -1.32 12.25 -34.53
C GLU A 159 -2.59 12.03 -33.71
N ARG A 160 -3.75 12.04 -34.36
CA ARG A 160 -5.00 11.75 -33.67
C ARG A 160 -4.98 10.36 -33.05
N ARG A 161 -4.49 9.36 -33.79
CA ARG A 161 -4.43 8.01 -33.26
C ARG A 161 -3.40 7.89 -32.16
N LYS A 162 -2.30 8.64 -32.24
CA LYS A 162 -1.31 8.64 -31.17
C LYS A 162 -1.90 9.19 -29.87
N VAL A 163 -2.66 10.28 -29.96
CA VAL A 163 -3.32 10.84 -28.78
C VAL A 163 -4.36 9.87 -28.24
N LEU A 164 -5.10 9.22 -29.14
CA LEU A 164 -6.14 8.29 -28.72
C LEU A 164 -5.55 7.08 -28.01
N GLU A 165 -4.44 6.53 -28.53
CA GLU A 165 -3.80 5.39 -27.90
C GLU A 165 -3.24 5.77 -26.53
N LEU A 166 -2.72 6.99 -26.38
CA LEU A 166 -2.17 7.42 -25.11
C LEU A 166 -3.26 7.57 -24.06
N ILE A 167 -4.40 8.13 -24.43
CA ILE A 167 -5.52 8.23 -23.49
C ILE A 167 -6.04 6.85 -23.13
N LYS A 168 -6.03 5.91 -24.09
CA LYS A 168 -6.34 4.53 -23.78
C LYS A 168 -5.41 3.97 -22.71
N GLU A 169 -4.11 4.25 -22.83
CA GLU A 169 -3.15 3.71 -21.86
C GLU A 169 -3.37 4.32 -20.48
N TYR A 170 -3.58 5.63 -20.41
CA TYR A 170 -3.86 6.28 -19.14
C TYR A 170 -5.17 5.77 -18.53
N ALA A 171 -6.15 5.45 -19.37
CA ALA A 171 -7.42 4.95 -18.86
C ALA A 171 -7.26 3.54 -18.29
N LEU A 172 -6.63 2.65 -19.06
CA LEU A 172 -6.41 1.28 -18.59
C LEU A 172 -5.53 1.26 -17.34
N THR A 173 -4.67 2.27 -17.16
CA THR A 173 -3.81 2.33 -15.99
C THR A 173 -4.57 2.84 -14.76
N ASN A 174 -5.50 3.77 -14.95
CA ASN A 174 -6.16 4.48 -13.86
C ASN A 174 -7.65 4.23 -13.93
N PRO A 175 -8.14 3.14 -13.33
CA PRO A 175 -9.60 2.88 -13.37
C PRO A 175 -10.41 3.89 -12.57
N GLU A 176 -9.83 4.51 -11.55
CA GLU A 176 -10.56 5.37 -10.63
C GLU A 176 -10.67 6.81 -11.12
N VAL A 177 -10.10 7.12 -12.29
CA VAL A 177 -10.08 8.48 -12.82
C VAL A 177 -10.93 8.50 -14.09
N GLU A 178 -11.85 9.46 -14.16
CA GLU A 178 -12.57 9.72 -15.40
C GLU A 178 -11.62 10.26 -16.46
N PHE A 179 -11.84 9.84 -17.70
CA PHE A 179 -11.18 10.43 -18.85
C PHE A 179 -12.20 10.75 -19.93
N THR A 180 -12.03 11.90 -20.59
CA THR A 180 -12.79 12.26 -21.76
C THR A 180 -11.84 12.69 -22.88
N LEU A 181 -12.16 12.31 -24.10
CA LEU A 181 -11.39 12.70 -25.27
C LEU A 181 -12.32 13.24 -26.34
N PHE A 182 -11.96 14.37 -26.93
CA PHE A 182 -12.70 14.95 -28.05
C PHE A 182 -11.79 15.06 -29.26
N SER A 183 -12.32 14.69 -30.42
CA SER A 183 -11.69 14.98 -31.71
C SER A 183 -12.62 15.75 -32.63
N GLU A 184 -13.73 15.14 -33.06
CA GLU A 184 -14.88 15.87 -33.59
C GLU A 184 -15.98 16.02 -32.56
N GLY A 185 -16.55 14.91 -32.08
CA GLY A 185 -16.86 14.75 -30.68
C GLY A 185 -16.74 13.30 -30.28
N ARG A 186 -16.88 13.06 -28.97
CA ARG A 186 -16.27 11.89 -28.33
C ARG A 186 -16.87 10.60 -28.85
N LEU A 191 -13.09 7.52 -25.16
CA LEU A 191 -13.62 8.84 -25.53
C LEU A 191 -14.35 9.49 -24.36
N LYS A 192 -15.19 8.72 -23.68
CA LYS A 192 -15.58 9.00 -22.31
C LYS A 192 -15.74 7.70 -21.54
N LYS A 193 -15.23 7.67 -20.31
CA LYS A 193 -15.56 6.62 -19.36
C LYS A 193 -15.39 7.14 -17.94
N SER A 194 -16.15 6.56 -17.02
CA SER A 194 -16.22 7.02 -15.64
C SER A 194 -15.43 6.09 -14.73
N SER A 195 -15.49 6.37 -13.43
CA SER A 195 -14.84 5.50 -12.45
C SER A 195 -15.43 4.10 -12.50
N LEU A 196 -14.55 3.09 -12.53
CA LEU A 196 -14.95 1.72 -12.84
C LEU A 196 -14.04 0.76 -12.07
N LYS A 197 -14.27 -0.54 -12.27
CA LYS A 197 -13.40 -1.59 -11.77
C LYS A 197 -12.84 -2.43 -12.91
N GLU A 198 -13.68 -3.07 -13.72
CA GLU A 198 -13.28 -3.47 -15.06
C GLU A 198 -13.60 -2.29 -15.97
N ARG A 199 -12.56 -1.55 -16.35
CA ARG A 199 -12.62 -0.54 -17.39
C ARG A 199 -12.20 -1.08 -18.75
N VAL A 200 -11.64 -2.30 -18.78
CA VAL A 200 -11.23 -2.91 -20.04
C VAL A 200 -12.43 -3.11 -20.95
N GLU A 201 -13.61 -3.36 -20.37
CA GLU A 201 -14.78 -3.65 -21.18
C GLU A 201 -15.34 -2.39 -21.83
N GLU A 202 -15.13 -1.22 -21.20
CA GLU A 202 -15.64 0.02 -21.76
C GLU A 202 -14.76 0.54 -22.88
N VAL A 203 -13.44 0.42 -22.75
CA VAL A 203 -12.53 1.05 -23.70
C VAL A 203 -12.46 0.24 -24.98
N PHE A 204 -12.48 -1.09 -24.88
CA PHE A 204 -12.43 -1.96 -26.04
C PHE A 204 -13.81 -2.39 -26.54
N GLN A 205 -14.88 -1.92 -25.90
CA GLN A 205 -16.24 -2.08 -26.42
C GLN A 205 -16.61 -3.55 -26.59
N THR A 206 -16.21 -4.37 -25.63
CA THR A 206 -16.49 -5.81 -25.66
C THR A 206 -16.51 -6.35 -24.24
N LYS A 207 -17.09 -7.54 -24.09
CA LYS A 207 -17.18 -8.22 -22.81
C LYS A 207 -16.04 -9.21 -22.68
N THR A 208 -15.33 -9.16 -21.56
CA THR A 208 -14.13 -9.95 -21.33
C THR A 208 -14.36 -10.97 -20.23
N GLU A 209 -13.73 -12.13 -20.36
CA GLU A 209 -13.48 -13.00 -19.22
C GLU A 209 -12.24 -12.55 -18.47
N GLU A 210 -12.32 -12.60 -17.15
CA GLU A 210 -11.20 -12.26 -16.28
C GLU A 210 -10.47 -13.53 -15.84
N LEU A 211 -9.15 -13.52 -15.97
CA LEU A 211 -8.30 -14.59 -15.48
C LEU A 211 -7.36 -14.06 -14.42
N TYR A 212 -6.89 -14.96 -13.55
CA TYR A 212 -6.06 -14.58 -12.42
C TYR A 212 -5.04 -15.68 -12.15
N ALA A 213 -3.84 -15.28 -11.78
CA ALA A 213 -2.87 -16.19 -11.16
C ALA A 213 -1.99 -15.40 -10.21
N GLU A 214 -1.62 -16.04 -9.09
CA GLU A 214 -0.59 -15.51 -8.20
C GLU A 214 0.31 -16.67 -7.76
N ARG A 215 1.61 -16.53 -8.01
CA ARG A 215 2.61 -17.43 -7.47
C ARG A 215 3.84 -16.64 -7.07
N GLU A 216 4.39 -16.96 -5.89
CA GLU A 216 5.59 -16.31 -5.33
C GLU A 216 5.31 -14.81 -5.29
N GLY A 217 6.24 -13.96 -5.70
CA GLY A 217 6.02 -12.52 -5.70
C GLY A 217 5.11 -12.02 -6.79
N ILE A 218 4.73 -12.86 -7.74
CA ILE A 218 4.15 -12.43 -9.00
C ILE A 218 2.63 -12.59 -8.90
N THR A 219 1.92 -11.48 -9.05
CA THR A 219 0.47 -11.47 -9.17
C THR A 219 0.08 -10.80 -10.47
N LEU A 220 -0.70 -11.50 -11.30
CA LEU A 220 -1.03 -11.00 -12.63
C LEU A 220 -2.47 -11.38 -12.99
N ARG A 221 -3.19 -10.42 -13.56
CA ARG A 221 -4.57 -10.60 -14.00
C ARG A 221 -4.66 -10.34 -15.50
N ALA A 222 -5.71 -10.92 -16.12
CA ALA A 222 -5.90 -10.81 -17.56
C ALA A 222 -7.38 -10.61 -17.85
N PHE A 223 -7.66 -9.89 -18.94
CA PHE A 223 -9.02 -9.71 -19.44
C PHE A 223 -9.04 -10.01 -20.92
N VAL A 224 -9.84 -11.00 -21.33
CA VAL A 224 -9.74 -11.62 -22.64
C VAL A 224 -11.16 -11.78 -23.20
N SER A 225 -11.43 -11.12 -24.33
CA SER A 225 -12.50 -11.56 -25.22
C SER A 225 -11.93 -12.22 -26.47
N ARG A 226 -12.81 -12.87 -27.23
CA ARG A 226 -12.37 -13.96 -28.08
C ARG A 226 -12.22 -13.63 -29.55
N ASN A 227 -12.85 -12.57 -30.06
CA ASN A 227 -13.00 -12.53 -31.51
C ASN A 227 -12.53 -11.23 -32.17
N GLN A 228 -13.42 -10.24 -32.22
CA GLN A 228 -13.14 -8.85 -32.60
C GLN A 228 -12.21 -8.73 -33.80
N ARG A 229 -12.23 -9.71 -34.70
CA ARG A 229 -11.69 -9.61 -36.06
C ARG A 229 -10.19 -9.30 -36.06
N GLN A 230 -9.63 -9.00 -34.89
CA GLN A 230 -8.30 -8.41 -34.78
C GLN A 230 -7.65 -8.91 -33.50
N GLY A 231 -6.36 -9.21 -33.58
CA GLY A 231 -5.54 -9.24 -32.37
C GLY A 231 -5.34 -7.84 -31.81
N LYS A 232 -5.63 -7.69 -30.52
CA LYS A 232 -5.08 -6.60 -29.72
C LYS A 232 -4.56 -7.19 -28.41
N TYR A 233 -3.24 -7.06 -28.19
CA TYR A 233 -2.60 -7.63 -27.01
C TYR A 233 -1.93 -6.50 -26.23
N TYR A 234 -2.45 -6.23 -25.04
CA TYR A 234 -1.91 -5.19 -24.15
C TYR A 234 -1.36 -5.84 -22.90
N VAL A 235 -0.22 -5.35 -22.43
CA VAL A 235 0.43 -5.88 -21.24
C VAL A 235 0.91 -4.70 -20.40
N PHE A 236 0.60 -4.75 -19.10
CA PHE A 236 1.00 -3.71 -18.15
C PHE A 236 1.80 -4.37 -17.03
N ILE A 237 3.03 -3.91 -16.83
CA ILE A 237 3.93 -4.44 -15.82
C ILE A 237 4.14 -3.37 -14.76
N ASN A 238 3.90 -3.73 -13.50
CA ASN A 238 3.22 -2.84 -12.56
C ASN A 238 2.03 -2.18 -13.24
N LYS A 239 1.91 -0.86 -13.12
CA LYS A 239 0.94 -0.10 -13.89
C LYS A 239 1.53 0.50 -15.17
N ARG A 240 2.80 0.23 -15.47
CA ARG A 240 3.44 0.83 -16.64
C ARG A 240 3.17 -0.01 -17.88
N PRO A 241 2.72 0.59 -18.98
CA PRO A 241 2.44 -0.19 -20.18
C PRO A 241 3.71 -0.62 -20.89
N ILE A 242 3.67 -1.82 -21.49
CA ILE A 242 4.82 -2.42 -22.15
C ILE A 242 4.43 -2.75 -23.59
N GLN A 243 5.20 -2.27 -24.55
CA GLN A 243 4.96 -2.56 -25.96
C GLN A 243 5.79 -3.72 -26.48
N ASN A 244 6.53 -4.42 -25.63
CA ASN A 244 7.49 -5.43 -26.08
C ASN A 244 6.79 -6.45 -26.96
N LYS A 245 7.33 -6.62 -28.18
CA LYS A 245 6.67 -7.42 -29.20
C LYS A 245 6.91 -8.92 -29.00
N ASN A 246 7.99 -9.29 -28.31
CA ASN A 246 8.17 -10.68 -27.88
C ASN A 246 7.02 -11.12 -26.98
N LEU A 247 6.69 -10.30 -25.98
CA LEU A 247 5.60 -10.66 -25.07
C LEU A 247 4.26 -10.74 -25.80
N LYS A 248 4.05 -9.90 -26.81
CA LYS A 248 2.79 -9.92 -27.53
C LYS A 248 2.68 -11.14 -28.45
N GLU A 249 3.80 -11.60 -29.00
CA GLU A 249 3.78 -12.84 -29.76
C GLU A 249 3.62 -14.05 -28.85
N PHE A 250 4.25 -14.04 -27.67
CA PHE A 250 3.98 -15.06 -26.67
C PHE A 250 2.50 -15.09 -26.30
N LEU A 251 1.91 -13.90 -26.09
CA LEU A 251 0.47 -13.85 -25.81
C LEU A 251 -0.36 -14.32 -27.00
N ARG A 252 0.12 -14.08 -28.22
CA ARG A 252 -0.54 -14.66 -29.39
C ARG A 252 -0.53 -16.18 -29.33
N LYS A 253 0.55 -16.77 -28.85
CA LYS A 253 0.69 -18.23 -28.89
C LYS A 253 -0.16 -18.90 -27.81
N VAL A 254 -0.06 -18.41 -26.58
CA VAL A 254 -0.67 -19.11 -25.45
C VAL A 254 -2.17 -18.79 -25.36
N PHE A 255 -2.57 -17.57 -25.69
CA PHE A 255 -3.97 -17.24 -25.93
C PHE A 255 -4.29 -17.43 -27.41
N GLY A 256 -5.48 -17.00 -27.82
CA GLY A 256 -5.89 -17.16 -29.20
C GLY A 256 -5.24 -16.15 -30.12
N TYR A 257 -5.21 -16.48 -31.41
CA TYR A 257 -4.39 -15.74 -32.36
C TYR A 257 -5.06 -14.45 -32.82
N LYS A 258 -6.37 -14.47 -33.03
CA LYS A 258 -7.18 -13.25 -33.01
C LYS A 258 -7.91 -13.18 -31.69
N THR A 259 -7.44 -12.32 -30.79
CA THR A 259 -7.95 -12.25 -29.43
C THR A 259 -7.65 -10.86 -28.89
N LEU A 260 -8.54 -10.37 -28.02
CA LEU A 260 -8.18 -9.30 -27.10
C LEU A 260 -7.57 -9.88 -25.83
N VAL A 261 -6.39 -9.38 -25.47
CA VAL A 261 -5.76 -9.73 -24.21
C VAL A 261 -5.25 -8.45 -23.55
N VAL A 262 -5.64 -8.23 -22.30
CA VAL A 262 -5.10 -7.15 -21.48
C VAL A 262 -4.57 -7.75 -20.18
N LEU A 263 -3.26 -7.67 -19.99
CA LEU A 263 -2.57 -8.34 -18.88
C LEU A 263 -2.00 -7.30 -17.95
N TYR A 264 -2.47 -7.28 -16.71
CA TYR A 264 -1.90 -6.46 -15.65
C TYR A 264 -1.02 -7.34 -14.76
N ALA A 265 0.23 -6.96 -14.61
CA ALA A 265 1.21 -7.73 -13.84
C ALA A 265 1.73 -6.89 -12.68
N GLU A 266 1.98 -7.54 -11.55
CA GLU A 266 2.61 -6.92 -10.38
C GLU A 266 3.81 -7.77 -9.98
N LEU A 267 5.01 -7.20 -10.09
CA LEU A 267 6.17 -7.75 -9.41
C LEU A 267 6.96 -6.61 -8.78
N PRO A 268 7.40 -6.75 -7.53
CA PRO A 268 7.82 -5.56 -6.76
C PRO A 268 9.12 -4.94 -7.27
N PRO A 269 10.25 -5.71 -7.33
CA PRO A 269 11.55 -5.02 -7.51
C PRO A 269 12.12 -5.07 -8.91
N PHE A 270 11.46 -4.51 -9.92
CA PHE A 270 11.98 -4.67 -11.28
C PHE A 270 12.00 -3.37 -12.07
N MET A 271 12.52 -3.43 -13.30
CA MET A 271 13.71 -2.66 -13.66
C MET A 271 13.35 -1.41 -14.45
N VAL A 272 12.79 -1.61 -15.64
CA VAL A 272 11.88 -0.67 -16.29
C VAL A 272 12.52 0.69 -16.47
N VAL A 283 10.59 -1.11 -22.73
CA VAL A 283 11.89 -1.74 -22.57
C VAL A 283 12.23 -1.93 -21.09
N ASN A 284 12.29 -3.18 -20.66
CA ASN A 284 12.35 -3.50 -19.24
C ASN A 284 12.98 -4.87 -19.07
N ILE A 285 13.45 -5.13 -17.85
CA ILE A 285 14.15 -6.36 -17.52
C ILE A 285 13.55 -6.93 -16.24
N LEU A 286 13.37 -8.25 -16.21
CA LEU A 286 12.80 -8.95 -15.07
C LEU A 286 13.44 -10.32 -14.98
N LYS A 287 12.90 -11.18 -14.11
CA LYS A 287 13.34 -12.57 -14.02
C LYS A 287 12.31 -13.43 -14.73
N GLU A 288 12.67 -13.90 -15.93
CA GLU A 288 11.68 -14.03 -16.98
C GLU A 288 10.92 -15.34 -16.89
N ARG A 289 11.59 -16.41 -16.46
CA ARG A 289 11.07 -17.76 -16.68
C ARG A 289 9.81 -18.00 -15.87
N LYS A 290 9.83 -17.61 -14.59
CA LYS A 290 8.66 -17.84 -13.73
C LYS A 290 7.48 -16.96 -14.13
N PHE A 291 7.76 -15.73 -14.60
CA PHE A 291 6.68 -14.90 -15.12
C PHE A 291 6.03 -15.54 -16.34
N LEU A 292 6.83 -15.95 -17.31
CA LEU A 292 6.27 -16.44 -18.57
C LEU A 292 5.56 -17.76 -18.39
N GLU A 293 6.06 -18.62 -17.49
CA GLU A 293 5.36 -19.86 -17.19
C GLU A 293 4.10 -19.60 -16.37
N LEU A 294 4.06 -18.50 -15.62
CA LEU A 294 2.81 -18.08 -14.99
C LEU A 294 1.80 -17.58 -16.03
N VAL A 295 2.27 -16.93 -17.09
CA VAL A 295 1.39 -16.57 -18.19
C VAL A 295 0.88 -17.83 -18.89
N ARG A 296 1.74 -18.82 -19.05
CA ARG A 296 1.29 -20.11 -19.59
C ARG A 296 0.26 -20.74 -18.68
N GLU A 297 0.41 -20.60 -17.37
CA GLU A 297 -0.57 -21.11 -16.43
C GLU A 297 -1.95 -20.51 -16.65
N LEU A 298 -2.12 -19.20 -16.41
CA LEU A 298 -3.46 -18.65 -16.30
C LEU A 298 -4.20 -18.61 -17.63
N ALA A 299 -3.48 -18.74 -18.76
CA ALA A 299 -4.13 -19.02 -20.03
C ALA A 299 -4.77 -20.41 -20.08
N GLY A 300 -4.44 -21.28 -19.13
CA GLY A 300 -5.25 -22.43 -18.85
C GLY A 300 -6.32 -22.15 -17.81
N LYS A 301 -6.70 -20.88 -17.68
CA LYS A 301 -7.90 -20.46 -16.97
C LYS A 301 -7.75 -20.71 -15.48
N VAL B 12 -8.07 -31.14 26.41
CA VAL B 12 -7.72 -30.36 25.23
C VAL B 12 -7.55 -31.29 24.03
N ILE B 13 -7.66 -32.60 24.27
CA ILE B 13 -7.34 -33.58 23.23
C ILE B 13 -8.59 -34.35 22.83
N GLU B 14 -9.00 -35.30 23.67
CA GLU B 14 -10.37 -35.81 23.71
C GLU B 14 -10.66 -36.70 22.50
N SER B 15 -9.86 -36.56 21.45
CA SER B 15 -10.14 -37.16 20.16
C SER B 15 -8.81 -37.47 19.49
N PRO B 16 -8.79 -38.44 18.56
CA PRO B 16 -7.60 -38.59 17.71
C PRO B 16 -7.34 -37.40 16.80
N VAL B 17 -8.39 -36.71 16.34
CA VAL B 17 -8.20 -35.68 15.32
C VAL B 17 -7.48 -34.47 15.91
N ASP B 18 -7.62 -34.25 17.21
CA ASP B 18 -6.86 -33.18 17.86
C ASP B 18 -5.40 -33.56 18.07
N VAL B 19 -5.12 -34.86 18.24
CA VAL B 19 -3.74 -35.34 18.18
C VAL B 19 -3.14 -35.01 16.82
N VAL B 20 -3.83 -35.38 15.74
CA VAL B 20 -3.33 -35.11 14.40
C VAL B 20 -3.20 -33.61 14.15
N LYS B 21 -4.08 -32.81 14.75
CA LYS B 21 -3.99 -31.37 14.59
C LYS B 21 -2.70 -30.82 15.21
N GLU B 22 -2.35 -31.29 16.41
CA GLU B 22 -1.18 -30.77 17.09
C GLU B 22 0.11 -31.27 16.44
N LEU B 23 0.11 -32.52 15.97
CA LEU B 23 1.31 -33.07 15.35
C LEU B 23 1.58 -32.45 13.99
N VAL B 24 0.53 -32.28 13.18
CA VAL B 24 0.68 -31.60 11.91
C VAL B 24 1.03 -30.12 12.13
N GLU B 25 0.48 -29.52 13.18
CA GLU B 25 0.79 -28.12 13.46
C GLU B 25 2.26 -27.93 13.79
N ASN B 26 2.80 -28.77 14.66
CA ASN B 26 4.24 -28.76 14.93
C ASN B 26 5.03 -29.04 13.66
N SER B 27 4.52 -29.94 12.80
CA SER B 27 5.22 -30.27 11.57
C SER B 27 5.34 -29.07 10.65
N LEU B 28 4.23 -28.34 10.46
CA LEU B 28 4.26 -27.15 9.62
C LEU B 28 5.03 -26.01 10.27
N ASP B 29 5.03 -25.95 11.60
CA ASP B 29 5.92 -25.05 12.31
C ASP B 29 7.38 -25.44 12.15
N ALA B 30 7.67 -26.66 11.71
CA ALA B 30 9.02 -27.18 11.64
C ALA B 30 9.68 -26.94 10.29
N LYS B 31 9.02 -26.18 9.40
CA LYS B 31 9.49 -25.98 8.03
C LYS B 31 9.50 -27.29 7.23
N ALA B 32 8.51 -28.14 7.48
CA ALA B 32 8.28 -29.29 6.62
C ALA B 32 7.67 -28.85 5.29
N THR B 33 8.22 -29.34 4.19
CA THR B 33 7.54 -29.35 2.90
C THR B 33 6.85 -30.68 2.60
N LYS B 34 7.02 -31.69 3.45
CA LYS B 34 6.38 -32.98 3.26
C LYS B 34 5.83 -33.47 4.60
N VAL B 35 4.53 -33.73 4.65
CA VAL B 35 3.88 -34.27 5.84
C VAL B 35 3.17 -35.56 5.45
N GLU B 36 3.46 -36.63 6.18
CA GLU B 36 2.84 -37.93 5.96
C GLU B 36 2.07 -38.34 7.20
N VAL B 37 0.76 -38.52 7.04
CA VAL B 37 -0.12 -38.93 8.14
C VAL B 37 -0.65 -40.32 7.83
N GLU B 38 -0.47 -41.25 8.77
CA GLU B 38 -1.14 -42.54 8.73
C GLU B 38 -1.96 -42.72 10.00
N ILE B 39 -3.24 -43.05 9.83
CA ILE B 39 -4.08 -43.51 10.93
C ILE B 39 -4.56 -44.93 10.62
N VAL B 40 -4.65 -45.75 11.65
CA VAL B 40 -5.61 -46.84 11.72
C VAL B 40 -6.44 -46.68 12.98
N LYS B 41 -7.73 -46.96 12.88
CA LYS B 41 -8.66 -46.61 13.95
C LYS B 41 -9.24 -47.87 14.59
N ARG B 45 -5.26 -49.58 16.53
CA ARG B 45 -5.21 -48.12 16.59
C ARG B 45 -3.77 -47.62 16.65
N LEU B 46 -3.40 -46.76 15.69
CA LEU B 46 -2.25 -45.88 15.86
C LEU B 46 -2.46 -44.63 15.05
N ILE B 47 -1.78 -43.56 15.45
CA ILE B 47 -1.64 -42.34 14.66
C ILE B 47 -0.16 -42.09 14.44
N ARG B 48 0.21 -41.81 13.19
CA ARG B 48 1.60 -41.59 12.82
C ARG B 48 1.71 -40.35 11.95
N VAL B 49 2.65 -39.48 12.29
CA VAL B 49 2.95 -38.28 11.51
C VAL B 49 4.44 -38.25 11.24
N LYS B 50 4.82 -38.28 9.96
CA LYS B 50 6.22 -38.27 9.55
C LYS B 50 6.54 -36.97 8.83
N ASP B 51 7.74 -36.44 9.08
CA ASP B 51 8.00 -35.00 9.05
C ASP B 51 9.22 -34.74 8.18
N ASN B 52 9.14 -33.67 7.38
CA ASN B 52 10.24 -33.26 6.53
C ASN B 52 11.19 -32.28 7.21
N GLY B 53 10.84 -31.81 8.41
CA GLY B 53 11.25 -30.49 8.86
C GLY B 53 12.63 -30.50 9.48
N THR B 54 12.88 -29.50 10.33
CA THR B 54 14.22 -29.32 10.89
C THR B 54 14.52 -30.36 11.96
N GLY B 55 13.50 -30.86 12.65
CA GLY B 55 13.70 -31.83 13.70
C GLY B 55 14.24 -31.21 14.98
N ILE B 56 14.42 -32.06 15.97
CA ILE B 56 14.67 -31.64 17.35
C ILE B 56 16.13 -31.92 17.67
N HIS B 57 16.77 -30.98 18.37
CA HIS B 57 18.06 -31.25 18.99
C HIS B 57 17.96 -32.48 19.89
N PRO B 58 19.00 -33.32 19.94
CA PRO B 58 18.94 -34.50 20.82
C PRO B 58 18.80 -34.16 22.29
N GLU B 59 19.40 -33.04 22.74
CA GLU B 59 19.28 -32.65 24.14
C GLU B 59 17.85 -32.29 24.51
N ASP B 60 17.07 -31.79 23.55
CA ASP B 60 15.72 -31.32 23.80
C ASP B 60 14.66 -32.39 23.57
N VAL B 61 15.06 -33.61 23.21
CA VAL B 61 14.09 -34.64 22.83
C VAL B 61 13.22 -35.02 24.03
N GLU B 62 13.83 -35.20 25.19
CA GLU B 62 13.05 -35.51 26.39
C GLU B 62 12.22 -34.31 26.85
N LYS B 63 12.67 -33.09 26.54
CA LYS B 63 11.99 -31.92 27.06
C LYS B 63 10.64 -31.70 26.37
N VAL B 64 10.59 -31.93 25.06
CA VAL B 64 9.36 -31.66 24.32
C VAL B 64 8.29 -32.71 24.59
N VAL B 65 8.70 -33.91 25.00
CA VAL B 65 7.74 -34.95 25.31
C VAL B 65 7.10 -34.72 26.67
N LEU B 66 7.80 -34.05 27.59
CA LEU B 66 7.27 -33.76 28.91
C LEU B 66 7.22 -32.26 29.17
N TYR B 93 4.86 -29.67 25.54
CA TYR B 93 4.45 -29.40 24.17
C TYR B 93 3.42 -30.43 23.71
N SER B 94 3.87 -31.66 23.50
CA SER B 94 2.99 -32.82 23.43
C SER B 94 2.92 -33.47 24.82
N ILE B 95 1.77 -33.34 25.48
CA ILE B 95 1.25 -34.40 26.34
C ILE B 95 -0.21 -34.68 25.99
N SER B 96 -0.59 -35.95 25.99
CA SER B 96 -0.82 -36.74 24.77
C SER B 96 0.47 -37.42 24.26
N SER B 97 1.59 -37.10 24.90
CA SER B 97 2.57 -38.09 25.33
C SER B 97 2.03 -39.03 26.40
N VAL B 98 0.85 -38.78 26.93
CA VAL B 98 -0.06 -39.87 27.28
C VAL B 98 -1.14 -40.01 26.22
N SER B 99 -1.03 -41.03 25.38
CA SER B 99 -0.88 -42.42 25.82
C SER B 99 0.04 -43.18 24.87
N LYS B 100 0.90 -44.04 25.43
CA LYS B 100 1.56 -45.12 24.70
C LYS B 100 2.39 -44.59 23.52
N PHE B 101 3.27 -43.65 23.82
CA PHE B 101 3.77 -42.69 22.84
C PHE B 101 5.17 -43.08 22.39
N LYS B 102 5.47 -42.84 21.11
CA LYS B 102 6.80 -43.04 20.57
C LYS B 102 7.17 -41.88 19.66
N LEU B 103 8.40 -41.38 19.82
CA LEU B 103 8.93 -40.32 18.99
C LEU B 103 10.32 -40.71 18.50
N ARG B 104 10.65 -40.29 17.28
CA ARG B 104 12.04 -40.21 16.84
C ARG B 104 12.24 -38.98 15.97
N SER B 105 13.35 -38.29 16.18
CA SER B 105 13.67 -37.08 15.43
C SER B 105 15.17 -37.01 15.17
N ARG B 106 15.54 -36.63 13.94
CA ARG B 106 16.90 -36.24 13.61
C ARG B 106 16.95 -34.76 13.31
N PHE B 107 17.74 -34.02 14.09
CA PHE B 107 18.06 -32.64 13.78
C PHE B 107 19.03 -32.57 12.60
N PHE B 108 18.90 -31.50 11.81
CA PHE B 108 19.47 -31.50 10.46
C PHE B 108 20.98 -31.32 10.46
N GLN B 109 21.55 -30.83 11.56
CA GLN B 109 23.00 -30.84 11.75
C GLN B 109 23.48 -32.05 12.55
N GLU B 110 22.57 -32.91 13.00
CA GLU B 110 22.94 -34.19 13.59
C GLU B 110 22.99 -35.28 12.53
N LYS B 111 24.02 -36.11 12.59
CA LYS B 111 24.13 -37.28 11.73
C LYS B 111 23.45 -38.51 12.33
N GLU B 112 22.85 -38.39 13.51
CA GLU B 112 22.35 -39.54 14.26
C GLU B 112 20.83 -39.57 14.25
N GLY B 113 20.19 -38.70 15.02
CA GLY B 113 18.79 -38.86 15.35
C GLY B 113 18.58 -39.75 16.56
N LYS B 114 17.42 -39.55 17.20
CA LYS B 114 17.19 -40.06 18.55
C LYS B 114 15.73 -40.46 18.68
N GLU B 115 15.49 -41.59 19.34
CA GLU B 115 14.14 -42.10 19.55
C GLU B 115 13.89 -42.25 21.05
N ILE B 116 12.79 -41.69 21.53
CA ILE B 116 12.28 -41.95 22.87
C ILE B 116 10.97 -42.71 22.75
N GLU B 117 10.77 -43.68 23.64
CA GLU B 117 9.50 -44.35 23.82
C GLU B 117 9.03 -44.17 25.25
N VAL B 118 7.81 -43.64 25.42
CA VAL B 118 7.16 -43.56 26.72
C VAL B 118 5.83 -44.29 26.64
N GLU B 119 5.30 -44.64 27.81
CA GLU B 119 3.97 -45.22 27.91
C GLU B 119 3.24 -44.57 29.07
N ALA B 120 2.07 -43.98 28.80
CA ALA B 120 1.20 -43.41 29.82
C ALA B 120 1.91 -42.31 30.62
N GLY B 121 2.83 -41.60 29.98
CA GLY B 121 3.57 -40.53 30.63
C GLY B 121 4.87 -40.96 31.27
N ASN B 122 5.16 -42.25 31.34
CA ASN B 122 6.37 -42.77 31.96
C ASN B 122 7.30 -43.32 30.89
N ILE B 123 8.57 -42.94 30.95
CA ILE B 123 9.49 -43.17 29.84
C ILE B 123 9.95 -44.62 29.86
N LEU B 124 9.75 -45.33 28.74
CA LEU B 124 10.23 -46.69 28.60
C LEU B 124 11.67 -46.77 28.07
N GLY B 125 12.18 -45.72 27.47
CA GLY B 125 13.62 -45.59 27.24
C GLY B 125 13.91 -44.77 26.01
N THR B 126 15.20 -44.58 25.77
CA THR B 126 15.68 -43.92 24.55
C THR B 126 16.70 -44.80 23.85
N ARG B 127 16.85 -44.56 22.55
CA ARG B 127 18.03 -45.02 21.82
C ARG B 127 18.25 -44.09 20.63
N ARG B 128 19.46 -44.15 20.07
CA ARG B 128 19.72 -43.56 18.77
C ARG B 128 19.25 -44.50 17.66
N VAL B 129 18.81 -43.90 16.55
CA VAL B 129 18.31 -44.64 15.40
C VAL B 129 18.73 -43.89 14.14
N GLY B 130 19.18 -44.64 13.13
CA GLY B 130 19.33 -44.07 11.80
C GLY B 130 17.99 -43.68 11.22
N MET B 131 17.81 -42.41 10.89
CA MET B 131 16.60 -41.92 10.26
C MET B 131 16.97 -40.76 9.34
N PRO B 132 16.14 -40.46 8.33
CA PRO B 132 16.22 -39.16 7.69
C PRO B 132 15.93 -38.03 8.67
N VAL B 133 16.39 -36.83 8.30
CA VAL B 133 16.09 -35.63 9.08
C VAL B 133 14.58 -35.39 9.08
N GLY B 134 14.03 -35.25 10.27
CA GLY B 134 12.59 -35.09 10.42
C GLY B 134 12.14 -35.64 11.76
N THR B 135 10.84 -35.93 11.83
CA THR B 135 10.24 -36.51 13.02
C THR B 135 9.20 -37.54 12.60
N GLU B 136 9.22 -38.69 13.25
CA GLU B 136 8.05 -39.56 13.33
C GLU B 136 7.55 -39.63 14.77
N VAL B 137 6.24 -39.53 14.94
CA VAL B 137 5.57 -39.76 16.21
C VAL B 137 4.49 -40.82 16.01
N GLU B 138 4.36 -41.72 16.98
CA GLU B 138 3.36 -42.78 16.93
C GLU B 138 2.58 -42.82 18.24
N VAL B 139 1.27 -43.05 18.12
CA VAL B 139 0.31 -42.75 19.18
C VAL B 139 -0.24 -44.04 19.79
N ARG B 140 -0.85 -44.90 18.97
CA ARG B 140 -0.79 -46.34 19.22
C ARG B 140 -1.56 -46.75 20.46
N ASP B 141 -2.89 -46.85 20.33
CA ASP B 141 -3.83 -46.99 21.45
C ASP B 141 -3.81 -45.74 22.33
N LEU B 142 -4.32 -44.66 21.74
CA LEU B 142 -4.79 -43.51 22.51
C LEU B 142 -5.77 -43.94 23.61
N PHE B 143 -5.62 -43.34 24.79
CA PHE B 143 -6.60 -43.39 25.87
C PHE B 143 -6.76 -44.80 26.43
N PHE B 144 -5.69 -45.60 26.42
CA PHE B 144 -5.76 -46.92 27.04
C PHE B 144 -5.73 -46.82 28.56
N ASN B 145 -4.95 -45.88 29.10
CA ASN B 145 -4.86 -45.68 30.54
C ASN B 145 -5.97 -44.80 31.08
N LEU B 146 -6.71 -44.11 30.22
CA LEU B 146 -7.85 -43.29 30.61
C LEU B 146 -9.08 -43.81 29.90
N PRO B 147 -9.84 -44.71 30.51
CA PRO B 147 -11.25 -44.84 30.17
C PRO B 147 -12.02 -43.58 30.57
N VAL B 148 -13.29 -43.57 30.17
CA VAL B 148 -14.17 -42.40 30.22
C VAL B 148 -13.68 -41.32 29.26
N ARG B 149 -12.44 -41.43 28.80
CA ARG B 149 -12.06 -40.89 27.50
C ARG B 149 -12.41 -41.85 26.37
N ARG B 150 -12.14 -43.14 26.56
CA ARG B 150 -12.40 -44.12 25.50
C ARG B 150 -13.88 -44.33 25.25
N LYS B 151 -14.72 -44.04 26.24
CA LYS B 151 -16.17 -44.06 26.05
C LYS B 151 -16.68 -42.79 25.37
N PHE B 152 -15.97 -41.67 25.50
CA PHE B 152 -16.26 -40.50 24.67
C PHE B 152 -15.97 -40.74 23.20
N LEU B 153 -15.08 -41.68 22.89
CA LEU B 153 -14.69 -41.92 21.50
C LEU B 153 -15.88 -42.38 20.68
N LYS B 154 -16.06 -41.76 19.53
CA LYS B 154 -17.18 -42.09 18.64
C LYS B 154 -16.82 -43.32 17.81
N LYS B 155 -17.63 -43.63 16.81
CA LYS B 155 -17.39 -44.79 15.98
C LYS B 155 -16.08 -44.64 15.20
N GLU B 156 -15.53 -45.78 14.79
CA GLU B 156 -14.28 -45.80 14.03
C GLU B 156 -14.36 -44.92 12.79
N ASP B 157 -15.46 -45.05 12.04
CA ASP B 157 -15.59 -44.28 10.80
C ASP B 157 -15.70 -42.80 11.07
N THR B 158 -16.36 -42.41 12.17
CA THR B 158 -16.58 -41.01 12.45
C THR B 158 -15.28 -40.28 12.74
N GLU B 159 -14.42 -40.89 13.58
CA GLU B 159 -13.11 -40.29 13.86
C GLU B 159 -12.24 -40.27 12.62
N ARG B 160 -12.36 -41.30 11.77
CA ARG B 160 -11.62 -41.30 10.51
C ARG B 160 -12.05 -40.15 9.62
N ARG B 161 -13.36 -39.86 9.57
CA ARG B 161 -13.85 -38.77 8.73
C ARG B 161 -13.45 -37.41 9.31
N LYS B 162 -13.37 -37.30 10.63
CA LYS B 162 -12.87 -36.08 11.24
C LYS B 162 -11.41 -35.83 10.88
N VAL B 163 -10.58 -36.87 10.93
CA VAL B 163 -9.18 -36.74 10.54
C VAL B 163 -9.07 -36.40 9.06
N LEU B 164 -9.88 -37.05 8.22
CA LEU B 164 -9.85 -36.78 6.78
C LEU B 164 -10.24 -35.34 6.49
N GLU B 165 -11.26 -34.83 7.18
CA GLU B 165 -11.67 -33.43 6.96
C GLU B 165 -10.59 -32.47 7.40
N LEU B 166 -9.89 -32.77 8.49
CA LEU B 166 -8.81 -31.91 8.95
C LEU B 166 -7.66 -31.89 7.96
N ILE B 167 -7.28 -33.05 7.42
CA ILE B 167 -6.21 -33.11 6.43
C ILE B 167 -6.62 -32.39 5.16
N LYS B 168 -7.90 -32.47 4.80
CA LYS B 168 -8.42 -31.67 3.69
C LYS B 168 -8.18 -30.19 3.91
N GLU B 169 -8.42 -29.69 5.12
CA GLU B 169 -8.29 -28.26 5.39
C GLU B 169 -6.82 -27.84 5.39
N TYR B 170 -5.94 -28.69 5.92
CA TYR B 170 -4.51 -28.40 5.85
C TYR B 170 -4.01 -28.41 4.41
N ALA B 171 -4.57 -29.28 3.58
CA ALA B 171 -4.15 -29.33 2.18
C ALA B 171 -4.63 -28.10 1.41
N LEU B 172 -5.89 -27.71 1.61
CA LEU B 172 -6.41 -26.52 0.95
C LEU B 172 -5.72 -25.25 1.44
N THR B 173 -5.21 -25.26 2.67
CA THR B 173 -4.55 -24.07 3.22
C THR B 173 -3.13 -23.94 2.67
N ASN B 174 -2.42 -25.06 2.50
CA ASN B 174 -1.00 -25.07 2.18
C ASN B 174 -0.81 -25.82 0.87
N PRO B 175 -0.97 -25.13 -0.27
CA PRO B 175 -0.75 -25.81 -1.57
C PRO B 175 0.70 -26.17 -1.83
N GLU B 176 1.64 -25.49 -1.19
CA GLU B 176 3.06 -25.69 -1.48
C GLU B 176 3.67 -26.84 -0.70
N VAL B 177 2.88 -27.53 0.13
CA VAL B 177 3.38 -28.59 1.01
C VAL B 177 2.76 -29.91 0.57
N GLU B 178 3.58 -30.93 0.44
CA GLU B 178 3.08 -32.28 0.18
C GLU B 178 2.36 -32.83 1.41
N PHE B 179 1.23 -33.48 1.18
CA PHE B 179 0.54 -34.23 2.21
C PHE B 179 0.26 -35.65 1.71
N THR B 180 0.37 -36.61 2.62
CA THR B 180 -0.02 -37.99 2.37
C THR B 180 -0.90 -38.49 3.50
N LEU B 181 -1.91 -39.28 3.16
CA LEU B 181 -2.82 -39.86 4.14
C LEU B 181 -2.94 -41.36 3.90
N PHE B 182 -2.87 -42.13 4.99
CA PHE B 182 -3.14 -43.57 4.96
C PHE B 182 -4.26 -43.89 5.92
N SER B 183 -5.20 -44.73 5.49
CA SER B 183 -6.18 -45.35 6.38
C SER B 183 -6.09 -46.86 6.30
N GLU B 184 -6.43 -47.47 5.16
CA GLU B 184 -5.97 -48.80 4.79
C GLU B 184 -4.78 -48.75 3.84
N GLY B 185 -4.96 -48.17 2.66
CA GLY B 185 -3.87 -47.52 1.96
C GLY B 185 -4.37 -46.34 1.14
N ARG B 186 -3.42 -45.59 0.60
CA ARG B 186 -3.67 -44.21 0.21
C ARG B 186 -4.49 -44.15 -1.08
N LEU B 191 -5.43 -38.10 -0.16
CA LEU B 191 -4.69 -39.28 0.29
C LEU B 191 -3.22 -39.16 -0.08
N LYS B 192 -2.94 -38.72 -1.31
CA LYS B 192 -1.64 -38.17 -1.67
C LYS B 192 -1.83 -37.03 -2.65
N LYS B 193 -1.09 -35.94 -2.44
CA LYS B 193 -0.95 -34.89 -3.44
C LYS B 193 0.37 -34.17 -3.24
N SER B 194 0.89 -33.61 -4.33
CA SER B 194 2.19 -32.94 -4.34
C SER B 194 2.00 -31.43 -4.37
N SER B 195 3.12 -30.71 -4.48
CA SER B 195 3.09 -29.26 -4.51
C SER B 195 2.36 -28.76 -5.75
N LEU B 196 1.41 -27.84 -5.55
CA LEU B 196 0.42 -27.51 -6.57
C LEU B 196 -0.07 -26.08 -6.34
N LYS B 197 -1.03 -25.67 -7.17
CA LYS B 197 -1.64 -24.34 -7.11
C LYS B 197 -3.16 -24.49 -7.06
N GLU B 198 -3.72 -25.15 -8.08
CA GLU B 198 -5.12 -25.51 -8.18
C GLU B 198 -5.45 -26.81 -7.45
N ARG B 199 -4.55 -27.21 -6.54
CA ARG B 199 -4.67 -28.42 -5.74
C ARG B 199 -6.06 -28.60 -5.13
N VAL B 200 -6.85 -27.53 -5.05
CA VAL B 200 -8.30 -27.66 -4.88
C VAL B 200 -8.88 -28.71 -5.82
N GLU B 201 -8.32 -28.84 -7.03
CA GLU B 201 -8.78 -29.89 -7.93
C GLU B 201 -8.34 -31.28 -7.47
N GLU B 202 -7.18 -31.39 -6.85
CA GLU B 202 -6.66 -32.72 -6.48
C GLU B 202 -7.35 -33.25 -5.23
N VAL B 203 -7.68 -32.38 -4.28
CA VAL B 203 -8.24 -32.84 -3.01
C VAL B 203 -9.70 -33.25 -3.19
N PHE B 204 -10.44 -32.53 -4.03
CA PHE B 204 -11.81 -32.89 -4.36
C PHE B 204 -11.92 -33.73 -5.62
N GLN B 205 -10.80 -34.07 -6.27
CA GLN B 205 -10.75 -35.05 -7.34
C GLN B 205 -11.62 -34.64 -8.53
N THR B 206 -11.75 -33.34 -8.77
CA THR B 206 -12.51 -32.84 -9.90
C THR B 206 -12.05 -31.43 -10.25
N LYS B 207 -12.39 -31.00 -11.46
CA LYS B 207 -11.60 -30.02 -12.20
C LYS B 207 -12.40 -28.73 -12.32
N THR B 208 -11.83 -27.62 -11.87
CA THR B 208 -12.61 -26.51 -11.33
C THR B 208 -12.43 -25.28 -12.21
N GLU B 209 -13.42 -24.38 -12.13
CA GLU B 209 -13.39 -23.10 -12.81
C GLU B 209 -13.03 -22.01 -11.80
N GLU B 210 -11.96 -21.27 -12.08
CA GLU B 210 -11.43 -20.28 -11.14
C GLU B 210 -12.09 -18.93 -11.39
N LEU B 211 -12.58 -18.31 -10.33
CA LEU B 211 -13.13 -16.96 -10.38
C LEU B 211 -12.36 -16.05 -9.43
N TYR B 212 -12.40 -14.75 -9.72
CA TYR B 212 -11.64 -13.76 -8.97
C TYR B 212 -12.42 -12.46 -8.91
N ALA B 213 -12.29 -11.76 -7.79
CA ALA B 213 -12.74 -10.38 -7.70
C ALA B 213 -11.84 -9.61 -6.74
N GLU B 214 -11.58 -8.35 -7.05
CA GLU B 214 -10.89 -7.44 -6.14
C GLU B 214 -11.61 -6.09 -6.17
N ARG B 215 -12.06 -5.64 -5.01
CA ARG B 215 -12.56 -4.28 -4.83
C ARG B 215 -12.13 -3.76 -3.46
N GLU B 216 -11.66 -2.51 -3.44
CA GLU B 216 -11.16 -1.85 -2.22
C GLU B 216 -10.07 -2.74 -1.62
N GLY B 217 -10.09 -3.00 -0.31
CA GLY B 217 -9.12 -3.90 0.30
C GLY B 217 -9.38 -5.37 0.05
N ILE B 218 -10.49 -5.72 -0.56
CA ILE B 218 -11.03 -7.08 -0.52
C ILE B 218 -10.62 -7.77 -1.81
N THR B 219 -9.77 -8.78 -1.70
CA THR B 219 -9.46 -9.69 -2.80
C THR B 219 -9.90 -11.09 -2.42
N LEU B 220 -10.65 -11.75 -3.30
CA LEU B 220 -11.09 -13.11 -3.02
C LEU B 220 -11.13 -13.91 -4.31
N ARG B 221 -10.73 -15.18 -4.21
CA ARG B 221 -10.77 -16.13 -5.32
C ARG B 221 -11.71 -17.27 -4.98
N ALA B 222 -12.20 -17.95 -6.01
CA ALA B 222 -13.14 -19.04 -5.84
C ALA B 222 -12.81 -20.15 -6.83
N PHE B 223 -13.01 -21.40 -6.40
CA PHE B 223 -13.05 -22.54 -7.32
C PHE B 223 -14.41 -23.22 -7.18
N VAL B 224 -15.25 -23.04 -8.19
CA VAL B 224 -16.70 -23.03 -7.97
C VAL B 224 -17.46 -24.30 -8.33
N SER B 225 -16.81 -25.30 -8.93
CA SER B 225 -17.30 -25.79 -10.23
C SER B 225 -18.17 -27.06 -10.17
N ARG B 226 -18.63 -27.44 -11.37
CA ARG B 226 -19.70 -28.39 -11.71
C ARG B 226 -20.97 -28.25 -10.88
N ASN B 227 -21.75 -29.35 -10.80
CA ASN B 227 -23.03 -29.33 -10.10
C ASN B 227 -23.13 -30.21 -8.86
N GLN B 228 -22.17 -31.08 -8.58
CA GLN B 228 -22.57 -32.44 -8.21
C GLN B 228 -23.14 -32.51 -6.78
N ARG B 229 -23.59 -33.71 -6.40
CA ARG B 229 -24.43 -33.88 -5.23
C ARG B 229 -23.85 -34.92 -4.27
N GLN B 230 -23.63 -34.51 -3.03
CA GLN B 230 -23.92 -33.14 -2.62
C GLN B 230 -22.72 -32.22 -2.86
N GLY B 231 -22.99 -31.06 -3.44
CA GLY B 231 -22.07 -29.95 -3.32
C GLY B 231 -21.96 -29.48 -1.88
N LYS B 232 -20.76 -29.49 -1.34
CA LYS B 232 -20.48 -28.84 -0.07
C LYS B 232 -19.76 -27.52 -0.30
N TYR B 233 -19.51 -26.80 0.80
CA TYR B 233 -19.07 -25.42 0.74
C TYR B 233 -17.93 -25.22 1.72
N TYR B 234 -16.76 -24.86 1.21
CA TYR B 234 -15.59 -24.52 2.01
C TYR B 234 -15.25 -23.05 1.81
N VAL B 235 -14.92 -22.37 2.90
CA VAL B 235 -14.56 -20.96 2.86
C VAL B 235 -13.38 -20.73 3.80
N PHE B 236 -12.33 -20.09 3.28
CA PHE B 236 -11.13 -19.79 4.05
C PHE B 236 -10.86 -18.29 3.96
N ILE B 237 -10.81 -17.63 5.11
CA ILE B 237 -10.56 -16.20 5.18
C ILE B 237 -9.19 -15.98 5.80
N ASN B 238 -8.30 -15.35 5.04
CA ASN B 238 -6.87 -15.29 5.36
C ASN B 238 -6.32 -16.68 5.68
N LYS B 239 -6.69 -17.65 4.84
CA LYS B 239 -6.14 -19.00 4.88
C LYS B 239 -6.55 -19.75 6.14
N ARG B 240 -7.23 -19.07 7.06
CA ARG B 240 -7.88 -19.74 8.19
C ARG B 240 -9.26 -20.23 7.78
N PRO B 241 -9.58 -21.50 8.00
CA PRO B 241 -10.94 -21.98 7.72
C PRO B 241 -11.93 -21.40 8.72
N ILE B 242 -13.11 -21.03 8.20
CA ILE B 242 -14.20 -20.54 9.04
C ILE B 242 -15.44 -21.40 8.78
N GLN B 243 -16.14 -21.74 9.85
CA GLN B 243 -17.23 -22.71 9.82
C GLN B 243 -18.60 -22.04 9.70
N ASN B 244 -18.64 -20.72 9.53
CA ASN B 244 -19.89 -19.97 9.67
C ASN B 244 -20.94 -20.50 8.71
N LYS B 245 -22.11 -20.86 9.26
CA LYS B 245 -23.15 -21.48 8.46
C LYS B 245 -23.93 -20.45 7.64
N ASN B 246 -24.06 -19.22 8.16
CA ASN B 246 -24.76 -18.17 7.43
C ASN B 246 -24.12 -17.93 6.06
N LEU B 247 -22.78 -17.92 6.02
CA LEU B 247 -22.09 -17.75 4.75
C LEU B 247 -22.30 -18.94 3.82
N LYS B 248 -22.49 -20.14 4.39
CA LYS B 248 -22.69 -21.32 3.56
C LYS B 248 -24.07 -21.32 2.92
N GLU B 249 -25.10 -20.90 3.66
CA GLU B 249 -26.41 -20.70 3.05
C GLU B 249 -26.40 -19.52 2.09
N PHE B 250 -25.55 -18.52 2.32
CA PHE B 250 -25.43 -17.42 1.39
C PHE B 250 -24.80 -17.86 0.07
N LEU B 251 -23.76 -18.70 0.14
CA LEU B 251 -23.22 -19.32 -1.06
C LEU B 251 -24.23 -20.24 -1.72
N ARG B 252 -25.09 -20.90 -0.93
CA ARG B 252 -26.19 -21.66 -1.51
C ARG B 252 -27.14 -20.76 -2.28
N LYS B 253 -27.34 -19.53 -1.80
CA LYS B 253 -28.17 -18.58 -2.54
C LYS B 253 -27.52 -18.18 -3.85
N VAL B 254 -26.30 -17.64 -3.80
CA VAL B 254 -25.74 -16.96 -4.96
C VAL B 254 -25.15 -17.95 -5.96
N PHE B 255 -24.57 -19.05 -5.48
CA PHE B 255 -24.18 -20.16 -6.33
C PHE B 255 -25.27 -21.22 -6.32
N GLY B 256 -25.02 -22.32 -7.01
CA GLY B 256 -26.01 -23.37 -7.13
C GLY B 256 -26.14 -24.18 -5.84
N TYR B 257 -27.33 -24.77 -5.67
CA TYR B 257 -27.74 -25.27 -4.37
C TYR B 257 -27.12 -26.63 -4.04
N LYS B 258 -26.91 -27.47 -5.04
CA LYS B 258 -25.77 -28.39 -5.06
C LYS B 258 -24.71 -27.78 -5.97
N THR B 259 -23.64 -27.28 -5.36
CA THR B 259 -22.42 -26.95 -6.08
C THR B 259 -21.26 -27.00 -5.09
N LEU B 260 -20.07 -27.34 -5.59
CA LEU B 260 -18.87 -27.39 -4.76
C LEU B 260 -18.17 -26.04 -4.84
N VAL B 261 -18.21 -25.29 -3.74
CA VAL B 261 -17.66 -23.93 -3.70
C VAL B 261 -16.50 -23.93 -2.71
N VAL B 262 -15.34 -23.44 -3.16
CA VAL B 262 -14.20 -23.19 -2.30
C VAL B 262 -13.82 -21.73 -2.45
N LEU B 263 -13.99 -20.96 -1.37
CA LEU B 263 -13.81 -19.50 -1.40
C LEU B 263 -12.61 -19.14 -0.54
N TYR B 264 -11.63 -18.50 -1.15
CA TYR B 264 -10.50 -17.91 -0.43
C TYR B 264 -10.69 -16.40 -0.39
N ALA B 265 -10.68 -15.83 0.81
CA ALA B 265 -10.91 -14.40 1.01
C ALA B 265 -9.75 -13.78 1.75
N GLU B 266 -9.48 -12.51 1.44
CA GLU B 266 -8.40 -11.76 2.07
C GLU B 266 -8.96 -10.44 2.57
N LEU B 267 -8.94 -10.23 3.89
CA LEU B 267 -9.09 -8.90 4.45
C LEU B 267 -8.03 -8.70 5.52
N PRO B 268 -7.34 -7.55 5.54
CA PRO B 268 -6.11 -7.45 6.36
C PRO B 268 -6.38 -7.41 7.85
N PRO B 269 -7.20 -6.45 8.38
CA PRO B 269 -7.25 -6.28 9.83
C PRO B 269 -8.47 -6.89 10.50
N PHE B 270 -8.68 -8.20 10.42
CA PHE B 270 -9.92 -8.77 10.94
C PHE B 270 -9.69 -10.05 11.73
N MET B 271 -10.62 -10.34 12.64
CA MET B 271 -10.32 -10.36 14.06
C MET B 271 -10.13 -11.79 14.57
N VAL B 272 -11.18 -12.60 14.46
CA VAL B 272 -11.06 -14.06 14.50
C VAL B 272 -10.69 -14.52 15.91
N VAL B 283 -14.75 -18.55 14.03
CA VAL B 283 -15.79 -17.56 14.30
C VAL B 283 -15.20 -16.15 14.37
N ASN B 284 -15.67 -15.29 13.47
CA ASN B 284 -15.09 -13.97 13.28
C ASN B 284 -16.18 -12.97 12.94
N ILE B 285 -15.83 -11.69 13.07
CA ILE B 285 -16.70 -10.59 12.67
C ILE B 285 -15.91 -9.64 11.79
N LEU B 286 -16.55 -9.13 10.75
CA LEU B 286 -15.90 -8.26 9.77
C LEU B 286 -16.89 -7.16 9.39
N LYS B 287 -16.55 -6.39 8.36
CA LYS B 287 -17.48 -5.40 7.81
C LYS B 287 -18.26 -6.07 6.69
N GLU B 288 -19.53 -6.36 6.95
CA GLU B 288 -20.16 -7.52 6.31
C GLU B 288 -20.69 -7.20 4.93
N ARG B 289 -21.15 -5.95 4.71
CA ARG B 289 -22.02 -5.67 3.58
C ARG B 289 -21.24 -5.67 2.27
N LYS B 290 -20.09 -4.99 2.25
CA LYS B 290 -19.26 -4.97 1.05
C LYS B 290 -18.70 -6.36 0.74
N PHE B 291 -18.34 -7.12 1.78
CA PHE B 291 -17.90 -8.48 1.57
C PHE B 291 -19.00 -9.33 0.94
N LEU B 292 -20.22 -9.25 1.49
CA LEU B 292 -21.31 -10.10 1.00
C LEU B 292 -21.71 -9.72 -0.42
N GLU B 293 -21.67 -8.42 -0.75
CA GLU B 293 -21.96 -8.00 -2.11
C GLU B 293 -20.88 -8.44 -3.07
N LEU B 294 -19.61 -8.49 -2.62
CA LEU B 294 -18.55 -9.03 -3.46
C LEU B 294 -18.71 -10.53 -3.67
N VAL B 295 -19.24 -11.24 -2.69
CA VAL B 295 -19.61 -12.64 -2.90
C VAL B 295 -20.74 -12.75 -3.92
N ARG B 296 -21.71 -11.83 -3.85
CA ARG B 296 -22.84 -11.89 -4.78
C ARG B 296 -22.40 -11.61 -6.21
N GLU B 297 -21.40 -10.75 -6.40
CA GLU B 297 -20.98 -10.34 -7.73
C GLU B 297 -20.51 -11.53 -8.58
N LEU B 298 -19.40 -12.16 -8.21
CA LEU B 298 -18.78 -13.13 -9.10
C LEU B 298 -19.54 -14.45 -9.17
N ALA B 299 -20.58 -14.64 -8.35
CA ALA B 299 -21.57 -15.67 -8.66
C ALA B 299 -22.31 -15.37 -9.96
N GLY B 300 -22.40 -14.10 -10.33
CA GLY B 300 -22.80 -13.72 -11.68
C GLY B 300 -21.66 -13.72 -12.67
N LYS B 301 -20.56 -14.39 -12.32
CA LYS B 301 -19.33 -14.39 -13.12
C LYS B 301 -18.83 -12.97 -13.35
N VAL C 12 8.75 4.07 17.86
CA VAL C 12 9.15 5.00 16.81
C VAL C 12 8.57 6.39 17.08
N ILE C 13 7.80 6.51 18.16
CA ILE C 13 7.01 7.71 18.40
C ILE C 13 7.45 8.36 19.71
N GLU C 14 7.04 7.76 20.84
CA GLU C 14 7.70 7.88 22.14
C GLU C 14 7.44 9.23 22.79
N SER C 15 7.00 10.21 22.00
CA SER C 15 6.88 11.59 22.47
C SER C 15 5.70 12.24 21.77
N PRO C 16 5.08 13.25 22.40
CA PRO C 16 4.11 14.07 21.67
C PRO C 16 4.72 14.86 20.52
N VAL C 17 5.98 15.28 20.64
CA VAL C 17 6.56 16.14 19.61
C VAL C 17 6.81 15.35 18.33
N ASP C 18 6.99 14.03 18.43
CA ASP C 18 7.03 13.20 17.25
C ASP C 18 5.65 12.95 16.66
N VAL C 19 4.61 12.94 17.50
CA VAL C 19 3.24 12.90 16.99
C VAL C 19 2.96 14.13 16.13
N VAL C 20 3.17 15.32 16.70
CA VAL C 20 2.91 16.54 15.95
C VAL C 20 3.89 16.70 14.79
N LYS C 21 5.06 16.06 14.85
CA LYS C 21 5.96 16.08 13.71
C LYS C 21 5.39 15.30 12.53
N GLU C 22 4.85 14.11 12.79
CA GLU C 22 4.30 13.29 11.71
C GLU C 22 3.01 13.88 11.17
N LEU C 23 2.18 14.46 12.04
CA LEU C 23 0.89 14.98 11.60
C LEU C 23 1.05 16.26 10.79
N VAL C 24 1.90 17.18 11.27
CA VAL C 24 2.22 18.37 10.50
C VAL C 24 2.96 18.00 9.21
N GLU C 25 3.76 16.93 9.25
CA GLU C 25 4.44 16.49 8.04
C GLU C 25 3.43 16.03 6.98
N ASN C 26 2.44 15.25 7.38
CA ASN C 26 1.37 14.87 6.46
C ASN C 26 0.57 16.08 6.01
N SER C 27 0.38 17.05 6.90
CA SER C 27 -0.39 18.25 6.56
C SER C 27 0.32 19.06 5.47
N LEU C 28 1.64 19.27 5.63
CA LEU C 28 2.38 20.04 4.64
C LEU C 28 2.57 19.26 3.35
N ASP C 29 2.65 17.92 3.42
CA ASP C 29 2.58 17.09 2.23
C ASP C 29 1.22 17.17 1.55
N ALA C 30 0.19 17.61 2.26
CA ALA C 30 -1.17 17.67 1.73
C ALA C 30 -1.48 19.01 1.06
N LYS C 31 -0.49 19.88 0.93
CA LYS C 31 -0.68 21.21 0.33
C LYS C 31 -1.65 22.05 1.16
N ALA C 32 -1.53 21.97 2.49
CA ALA C 32 -2.21 22.91 3.37
C ALA C 32 -1.56 24.28 3.29
N THR C 33 -2.38 25.32 3.22
CA THR C 33 -1.95 26.69 3.51
C THR C 33 -2.26 27.12 4.94
N LYS C 34 -2.95 26.31 5.73
CA LYS C 34 -3.25 26.62 7.11
C LYS C 34 -3.07 25.37 7.95
N VAL C 35 -2.22 25.45 8.97
CA VAL C 35 -1.98 24.35 9.91
C VAL C 35 -2.34 24.85 11.30
N GLU C 36 -3.25 24.16 11.96
CA GLU C 36 -3.69 24.50 13.32
C GLU C 36 -3.32 23.34 14.24
N VAL C 37 -2.46 23.62 15.22
CA VAL C 37 -2.04 22.64 16.22
C VAL C 37 -2.59 23.07 17.57
N GLU C 38 -3.30 22.17 18.24
CA GLU C 38 -3.65 22.33 19.64
C GLU C 38 -3.09 21.16 20.44
N ILE C 39 -2.35 21.48 21.50
CA ILE C 39 -2.00 20.51 22.53
C ILE C 39 -2.61 20.95 23.86
N VAL C 40 -3.03 19.98 24.64
CA VAL C 40 -3.01 20.07 26.10
C VAL C 40 -2.25 18.88 26.66
N LYS C 41 -1.45 19.11 27.69
CA LYS C 41 -0.49 18.12 28.14
C LYS C 41 -0.93 17.50 29.46
N ARG C 45 -4.74 15.46 28.53
CA ARG C 45 -3.92 15.21 27.34
C ARG C 45 -4.78 15.08 26.10
N LEU C 46 -4.52 15.92 25.11
CA LEU C 46 -4.85 15.61 23.72
C LEU C 46 -3.88 16.32 22.80
N ILE C 47 -3.71 15.75 21.61
CA ILE C 47 -3.04 16.40 20.49
C ILE C 47 -4.02 16.50 19.34
N ARG C 48 -4.15 17.70 18.76
CA ARG C 48 -5.04 17.93 17.64
C ARG C 48 -4.29 18.70 16.55
N VAL C 49 -4.38 18.21 15.31
CA VAL C 49 -3.85 18.90 14.14
C VAL C 49 -4.96 19.04 13.12
N LYS C 50 -5.33 20.29 12.81
CA LYS C 50 -6.39 20.58 11.86
C LYS C 50 -5.79 21.21 10.61
N ASP C 51 -6.32 20.83 9.44
CA ASP C 51 -5.57 20.81 8.20
C ASP C 51 -6.33 21.59 7.13
N ASN C 52 -5.58 22.29 6.27
CA ASN C 52 -6.15 23.02 5.15
C ASN C 52 -6.11 22.22 3.86
N GLY C 53 -5.54 21.02 3.87
CA GLY C 53 -4.96 20.41 2.69
C GLY C 53 -5.98 19.67 1.86
N THR C 54 -5.47 18.79 0.99
CA THR C 54 -6.34 18.10 0.05
C THR C 54 -7.21 17.05 0.75
N GLY C 55 -6.76 16.53 1.89
CA GLY C 55 -7.51 15.53 2.61
C GLY C 55 -7.50 14.18 1.89
N ILE C 56 -8.21 13.23 2.50
CA ILE C 56 -8.10 11.82 2.14
C ILE C 56 -9.37 11.41 1.40
N HIS C 57 -9.20 10.65 0.32
CA HIS C 57 -10.32 9.97 -0.28
C HIS C 57 -11.01 9.07 0.75
N PRO C 58 -12.34 8.99 0.73
CA PRO C 58 -13.04 8.17 1.74
C PRO C 58 -12.67 6.69 1.67
N GLU C 59 -12.34 6.18 0.49
CA GLU C 59 -11.92 4.78 0.39
C GLU C 59 -10.59 4.55 1.08
N ASP C 60 -9.72 5.57 1.13
CA ASP C 60 -8.39 5.43 1.69
C ASP C 60 -8.32 5.80 3.17
N VAL C 61 -9.42 6.28 3.76
CA VAL C 61 -9.38 6.77 5.13
C VAL C 61 -9.07 5.64 6.10
N GLU C 62 -9.72 4.48 5.91
CA GLU C 62 -9.45 3.34 6.78
C GLU C 62 -8.10 2.70 6.47
N LYS C 63 -7.62 2.83 5.24
CA LYS C 63 -6.34 2.21 4.89
C LYS C 63 -5.17 2.97 5.51
N VAL C 64 -5.25 4.29 5.54
CA VAL C 64 -4.08 5.07 5.93
C VAL C 64 -3.88 5.06 7.44
N VAL C 65 -4.95 4.86 8.21
CA VAL C 65 -4.82 4.75 9.67
C VAL C 65 -4.24 3.41 10.08
N LEU C 66 -4.40 2.36 9.27
CA LEU C 66 -3.82 1.06 9.58
C LEU C 66 -2.86 0.62 8.48
N TYR C 93 0.70 4.43 7.93
CA TYR C 93 1.20 5.80 7.91
C TYR C 93 1.23 6.38 9.31
N SER C 94 0.04 6.59 9.88
CA SER C 94 -0.09 6.82 11.33
C SER C 94 -0.37 5.49 12.01
N ILE C 95 0.62 4.99 12.75
CA ILE C 95 0.37 4.22 13.96
C ILE C 95 1.26 4.76 15.08
N SER C 96 0.72 4.86 16.30
CA SER C 96 0.21 6.11 16.86
C SER C 96 -1.26 6.35 16.53
N SER C 97 -1.83 5.48 15.69
CA SER C 97 -3.14 4.90 15.91
C SER C 97 -3.21 4.00 17.14
N VAL C 98 -2.09 3.73 17.80
CA VAL C 98 -2.05 3.70 19.25
C VAL C 98 -1.44 5.00 19.79
N SER C 99 -2.27 5.87 20.34
CA SER C 99 -3.31 5.49 21.29
C SER C 99 -4.58 6.32 21.09
N LYS C 100 -5.73 5.65 21.13
CA LYS C 100 -7.03 6.30 21.35
C LYS C 100 -7.32 7.36 20.28
N PHE C 101 -7.26 6.93 19.02
CA PHE C 101 -7.01 7.81 17.89
C PHE C 101 -8.31 8.08 17.14
N LYS C 102 -8.46 9.31 16.66
CA LYS C 102 -9.62 9.69 15.86
C LYS C 102 -9.19 10.58 14.71
N LEU C 103 -9.74 10.32 13.52
CA LEU C 103 -9.42 11.07 12.32
C LEU C 103 -10.71 11.44 11.61
N ARG C 104 -10.77 12.67 11.10
CA ARG C 104 -11.75 13.08 10.11
C ARG C 104 -11.02 13.70 8.92
N SER C 105 -11.46 13.37 7.72
CA SER C 105 -10.95 14.01 6.50
C SER C 105 -12.08 14.18 5.50
N ARG C 106 -12.11 15.35 4.87
CA ARG C 106 -12.85 15.55 3.62
C ARG C 106 -11.86 15.82 2.49
N PHE C 107 -11.90 14.97 1.47
CA PHE C 107 -11.19 15.24 0.23
C PHE C 107 -11.85 16.39 -0.53
N PHE C 108 -11.02 17.15 -1.25
CA PHE C 108 -11.45 18.48 -1.69
C PHE C 108 -12.41 18.42 -2.87
N GLN C 109 -12.47 17.29 -3.59
CA GLN C 109 -13.51 17.04 -4.57
C GLN C 109 -14.67 16.21 -4.02
N GLU C 110 -14.60 15.77 -2.77
CA GLU C 110 -15.73 15.11 -2.13
C GLU C 110 -16.63 16.12 -1.45
N LYS C 111 -17.94 15.88 -1.52
CA LYS C 111 -18.90 16.78 -0.88
C LYS C 111 -18.84 16.69 0.64
N GLU C 112 -18.59 15.49 1.18
CA GLU C 112 -19.15 15.06 2.46
C GLU C 112 -18.07 14.96 3.54
N GLY C 113 -17.13 14.02 3.38
CA GLY C 113 -16.10 13.81 4.37
C GLY C 113 -16.46 12.69 5.34
N LYS C 114 -15.42 12.14 5.97
CA LYS C 114 -15.51 10.85 6.62
C LYS C 114 -14.71 10.86 7.92
N GLU C 115 -15.27 10.26 8.95
CA GLU C 115 -14.61 10.15 10.25
C GLU C 115 -14.41 8.68 10.60
N ILE C 116 -13.18 8.31 10.95
CA ILE C 116 -12.87 7.03 11.56
C ILE C 116 -12.48 7.24 13.00
N GLU C 117 -12.93 6.36 13.89
CA GLU C 117 -12.46 6.29 15.26
C GLU C 117 -11.88 4.91 15.53
N VAL C 118 -10.62 4.87 15.96
CA VAL C 118 -10.01 3.64 16.43
C VAL C 118 -9.59 3.83 17.89
N GLU C 119 -9.41 2.70 18.58
CA GLU C 119 -8.86 2.70 19.92
C GLU C 119 -7.87 1.54 20.04
N ALA C 120 -6.64 1.86 20.43
CA ALA C 120 -5.60 0.84 20.70
C ALA C 120 -5.33 -0.02 19.47
N GLY C 121 -5.46 0.56 18.28
CA GLY C 121 -5.22 -0.15 17.04
C GLY C 121 -6.42 -0.85 16.45
N ASN C 122 -7.53 -0.93 17.18
CA ASN C 122 -8.73 -1.61 16.72
C ASN C 122 -9.80 -0.58 16.38
N ILE C 123 -10.43 -0.74 15.22
CA ILE C 123 -11.36 0.28 14.73
C ILE C 123 -12.65 0.23 15.54
N LEU C 124 -13.04 1.36 16.12
CA LEU C 124 -14.32 1.47 16.79
C LEU C 124 -15.46 1.92 15.87
N GLY C 125 -15.16 2.46 14.70
CA GLY C 125 -16.14 2.55 13.64
C GLY C 125 -15.88 3.75 12.75
N THR C 126 -16.73 3.87 11.72
CA THR C 126 -16.71 5.03 10.84
C THR C 126 -18.10 5.65 10.78
N ARG C 127 -18.13 6.93 10.42
CA ARG C 127 -19.36 7.59 10.01
C ARG C 127 -19.04 8.76 9.10
N ARG C 128 -20.06 9.23 8.39
CA ARG C 128 -19.93 10.42 7.55
C ARG C 128 -20.38 11.66 8.30
N VAL C 129 -19.58 12.72 8.19
CA VAL C 129 -19.79 13.94 8.95
C VAL C 129 -19.52 15.13 8.04
N GLY C 130 -20.37 16.15 8.14
CA GLY C 130 -20.09 17.42 7.48
C GLY C 130 -18.89 18.09 8.09
N MET C 131 -17.87 18.37 7.27
CA MET C 131 -16.68 19.08 7.72
C MET C 131 -16.16 19.92 6.55
N PRO C 132 -15.39 20.97 6.84
CA PRO C 132 -14.60 21.62 5.79
C PRO C 132 -13.58 20.66 5.19
N VAL C 133 -13.10 21.02 4.00
CA VAL C 133 -12.05 20.25 3.36
C VAL C 133 -10.78 20.31 4.20
N GLY C 134 -10.25 19.14 4.53
CA GLY C 134 -9.01 19.04 5.27
C GLY C 134 -8.97 17.76 6.06
N THR C 135 -8.15 17.78 7.12
CA THR C 135 -8.01 16.64 8.03
C THR C 135 -7.93 17.18 9.45
N GLU C 136 -8.71 16.58 10.36
CA GLU C 136 -8.42 16.65 11.78
C GLU C 136 -8.01 15.30 12.29
N VAL C 137 -6.96 15.28 13.12
CA VAL C 137 -6.56 14.11 13.88
C VAL C 137 -6.55 14.47 15.35
N GLU C 138 -7.03 13.55 16.18
CA GLU C 138 -7.04 13.72 17.63
C GLU C 138 -6.43 12.50 18.30
N VAL C 139 -5.62 12.74 19.32
CA VAL C 139 -4.69 11.75 19.87
C VAL C 139 -5.09 11.33 21.28
N ARG C 140 -5.17 12.30 22.21
CA ARG C 140 -6.12 12.20 23.32
C ARG C 140 -5.78 11.05 24.26
N ASP C 141 -4.79 11.29 25.14
CA ASP C 141 -4.13 10.27 25.95
C ASP C 141 -3.37 9.26 25.07
N LEU C 142 -2.29 9.79 24.48
CA LEU C 142 -1.19 8.94 24.02
C LEU C 142 -0.72 8.02 25.15
N PHE C 143 -0.44 6.78 24.79
CA PHE C 143 0.18 5.78 25.68
C PHE C 143 -0.70 5.49 26.89
N PHE C 144 -2.02 5.55 26.71
CA PHE C 144 -2.93 5.13 27.78
C PHE C 144 -2.91 3.62 27.94
N ASN C 145 -2.83 2.88 26.82
CA ASN C 145 -2.85 1.43 26.87
C ASN C 145 -1.48 0.83 27.15
N LEU C 146 -0.41 1.60 26.99
CA LEU C 146 0.96 1.14 27.26
C LEU C 146 1.59 2.12 28.25
N PRO C 147 1.50 1.83 29.55
CA PRO C 147 2.45 2.44 30.49
C PRO C 147 3.88 1.97 30.26
N VAL C 148 4.83 2.55 31.00
CA VAL C 148 6.29 2.36 30.93
C VAL C 148 6.83 2.88 29.60
N ARG C 149 5.95 3.13 28.63
CA ARG C 149 6.07 4.29 27.76
C ARG C 149 5.48 5.53 28.38
N ARG C 150 4.31 5.42 29.02
CA ARG C 150 3.61 6.57 29.55
C ARG C 150 4.39 7.23 30.68
N LYS C 151 5.14 6.44 31.45
CA LYS C 151 6.00 6.97 32.50
C LYS C 151 7.33 7.50 31.96
N PHE C 152 7.77 7.03 30.79
CA PHE C 152 8.92 7.64 30.13
C PHE C 152 8.66 9.10 29.75
N LEU C 153 7.39 9.49 29.61
CA LEU C 153 7.07 10.85 29.17
C LEU C 153 7.54 11.86 30.20
N LYS C 154 8.02 12.99 29.72
CA LYS C 154 8.66 13.99 30.58
C LYS C 154 7.58 14.88 31.20
N LYS C 155 7.99 15.96 31.85
CA LYS C 155 7.06 16.86 32.51
C LYS C 155 6.15 17.54 31.48
N GLU C 156 4.99 18.00 31.97
CA GLU C 156 4.07 18.78 31.14
C GLU C 156 4.78 19.92 30.43
N ASP C 157 5.56 20.72 31.18
CA ASP C 157 6.18 21.90 30.61
C ASP C 157 7.21 21.53 29.55
N THR C 158 7.99 20.48 29.78
CA THR C 158 9.07 20.13 28.87
C THR C 158 8.51 19.68 27.52
N GLU C 159 7.49 18.82 27.53
CA GLU C 159 6.89 18.36 26.28
C GLU C 159 6.23 19.51 25.53
N ARG C 160 5.61 20.44 26.26
CA ARG C 160 5.02 21.61 25.62
C ARG C 160 6.08 22.46 24.93
N ARG C 161 7.26 22.59 25.55
CA ARG C 161 8.32 23.39 24.97
C ARG C 161 8.94 22.70 23.75
N LYS C 162 8.98 21.37 23.77
CA LYS C 162 9.43 20.63 22.59
C LYS C 162 8.48 20.84 21.42
N VAL C 163 7.17 20.78 21.67
CA VAL C 163 6.18 21.03 20.61
C VAL C 163 6.29 22.46 20.09
N LEU C 164 6.46 23.41 21.01
CA LEU C 164 6.57 24.81 20.60
C LEU C 164 7.80 25.04 19.72
N GLU C 165 8.92 24.44 20.07
CA GLU C 165 10.14 24.61 19.29
C GLU C 165 9.99 23.98 17.90
N LEU C 166 9.29 22.85 17.82
CA LEU C 166 9.09 22.21 16.51
C LEU C 166 8.17 23.04 15.62
N ILE C 167 7.12 23.62 16.20
CA ILE C 167 6.23 24.48 15.44
C ILE C 167 6.97 25.74 14.98
N LYS C 168 7.89 26.23 15.80
CA LYS C 168 8.80 27.29 15.35
C LYS C 168 9.61 26.84 14.14
N GLU C 169 10.16 25.63 14.19
CA GLU C 169 11.02 25.17 13.10
C GLU C 169 10.23 25.01 11.80
N TYR C 170 9.02 24.48 11.89
CA TYR C 170 8.16 24.40 10.70
C TYR C 170 7.77 25.78 10.20
N ALA C 171 7.61 26.75 11.10
CA ALA C 171 7.23 28.10 10.69
C ALA C 171 8.36 28.77 9.91
N LEU C 172 9.58 28.74 10.46
CA LEU C 172 10.72 29.26 9.74
C LEU C 172 10.97 28.51 8.44
N THR C 173 10.59 27.23 8.37
CA THR C 173 10.79 26.45 7.16
C THR C 173 9.77 26.82 6.08
N ASN C 174 8.53 27.12 6.48
CA ASN C 174 7.41 27.29 5.56
C ASN C 174 6.83 28.69 5.75
N PRO C 175 7.38 29.70 5.07
CA PRO C 175 6.88 31.07 5.28
C PRO C 175 5.47 31.29 4.76
N GLU C 176 5.04 30.52 3.76
CA GLU C 176 3.79 30.79 3.06
C GLU C 176 2.59 30.12 3.71
N VAL C 177 2.78 29.44 4.84
CA VAL C 177 1.73 28.66 5.49
C VAL C 177 1.42 29.31 6.83
N GLU C 178 0.14 29.48 7.12
CA GLU C 178 -0.27 29.86 8.46
C GLU C 178 -0.02 28.71 9.44
N PHE C 179 0.40 29.07 10.65
CA PHE C 179 0.46 28.14 11.76
C PHE C 179 -0.24 28.72 12.98
N THR C 180 -0.97 27.88 13.70
CA THR C 180 -1.54 28.23 14.99
C THR C 180 -1.13 27.18 16.02
N LEU C 181 -0.88 27.63 17.25
CA LEU C 181 -0.58 26.73 18.37
C LEU C 181 -1.44 27.10 19.56
N PHE C 182 -1.97 26.07 20.24
CA PHE C 182 -2.70 26.24 21.48
C PHE C 182 -2.03 25.43 22.58
N SER C 183 -1.89 26.03 23.76
CA SER C 183 -1.55 25.28 24.96
C SER C 183 -2.52 25.59 26.09
N GLU C 184 -2.50 26.82 26.58
CA GLU C 184 -3.65 27.43 27.23
C GLU C 184 -4.45 28.31 26.26
N GLY C 185 -3.82 29.36 25.74
CA GLY C 185 -4.25 29.96 24.49
C GLY C 185 -3.07 30.53 23.74
N ARG C 186 -3.34 30.97 22.52
CA ARG C 186 -2.32 30.98 21.46
C ARG C 186 -1.26 32.04 21.73
N LEU C 191 3.18 31.12 17.58
CA LEU C 191 1.91 30.76 18.19
C LEU C 191 0.75 31.06 17.26
N LYS C 192 0.79 32.24 16.63
CA LYS C 192 0.08 32.49 15.39
C LYS C 192 0.91 33.40 14.50
N LYS C 193 0.99 33.07 13.22
CA LYS C 193 1.49 34.00 12.21
C LYS C 193 0.95 33.59 10.84
N SER C 194 0.93 34.56 9.94
CA SER C 194 0.26 34.46 8.64
C SER C 194 1.30 34.29 7.54
N SER C 195 0.81 34.26 6.30
CA SER C 195 1.69 34.12 5.15
C SER C 195 2.60 35.34 5.03
N LEU C 196 3.89 35.08 4.80
CA LEU C 196 4.91 36.12 4.86
C LEU C 196 6.02 35.79 3.87
N LYS C 197 7.02 36.66 3.80
CA LYS C 197 8.24 36.43 3.05
C LYS C 197 9.46 36.40 3.95
N GLU C 198 9.73 37.48 4.69
CA GLU C 198 10.50 37.38 5.92
C GLU C 198 9.50 37.12 7.04
N ARG C 199 9.48 35.87 7.51
CA ARG C 199 8.78 35.49 8.72
C ARG C 199 9.71 35.48 9.93
N VAL C 200 11.02 35.60 9.70
CA VAL C 200 11.98 35.66 10.81
C VAL C 200 11.72 36.88 11.68
N GLU C 201 11.24 37.97 11.07
CA GLU C 201 10.93 39.17 11.85
C GLU C 201 9.71 38.96 12.75
N GLU C 202 8.76 38.14 12.32
CA GLU C 202 7.56 37.93 13.12
C GLU C 202 7.79 36.94 14.25
N VAL C 203 8.58 35.90 14.02
CA VAL C 203 8.69 34.82 15.00
C VAL C 203 9.57 35.25 16.16
N PHE C 204 10.63 36.01 15.88
CA PHE C 204 11.51 36.52 16.92
C PHE C 204 11.12 37.90 17.42
N GLN C 205 10.06 38.50 16.87
CA GLN C 205 9.46 39.72 17.41
C GLN C 205 10.46 40.87 17.44
N THR C 206 11.32 40.93 16.42
CA THR C 206 12.33 41.97 16.35
C THR C 206 12.61 42.29 14.88
N LYS C 207 13.11 43.49 14.64
CA LYS C 207 13.65 43.82 13.33
C LYS C 207 14.98 43.13 13.13
N THR C 208 15.11 42.42 12.01
CA THR C 208 16.34 41.73 11.64
C THR C 208 16.90 42.34 10.36
N GLU C 209 18.16 42.77 10.40
CA GLU C 209 18.89 43.05 9.18
C GLU C 209 19.08 41.76 8.37
N GLU C 210 18.70 41.81 7.10
CA GLU C 210 18.82 40.66 6.21
C GLU C 210 20.19 40.67 5.55
N LEU C 211 20.87 39.53 5.60
CA LEU C 211 22.12 39.33 4.90
C LEU C 211 22.00 38.12 3.96
N TYR C 212 22.88 38.08 2.96
CA TYR C 212 22.80 37.08 1.91
C TYR C 212 24.21 36.74 1.44
N ALA C 213 24.43 35.47 1.11
CA ALA C 213 25.61 35.07 0.35
C ALA C 213 25.26 33.90 -0.56
N GLU C 214 25.82 33.91 -1.77
CA GLU C 214 25.88 32.72 -2.61
C GLU C 214 27.22 32.69 -3.33
N ARG C 215 27.90 31.55 -3.27
CA ARG C 215 28.92 31.20 -4.24
C ARG C 215 28.77 29.74 -4.63
N GLU C 216 29.12 29.43 -5.88
CA GLU C 216 29.38 28.06 -6.34
C GLU C 216 28.10 27.25 -6.15
N GLY C 217 28.15 26.07 -5.54
CA GLY C 217 26.95 25.29 -5.31
C GLY C 217 26.10 25.73 -4.14
N ILE C 218 26.63 26.61 -3.28
CA ILE C 218 26.08 26.84 -1.96
C ILE C 218 25.37 28.19 -1.97
N THR C 219 24.11 28.19 -1.54
CA THR C 219 23.33 29.42 -1.38
C THR C 219 22.78 29.46 0.03
N LEU C 220 23.05 30.56 0.74
CA LEU C 220 22.63 30.67 2.12
C LEU C 220 22.26 32.11 2.45
N ARG C 221 21.20 32.28 3.24
CA ARG C 221 20.73 33.57 3.69
C ARG C 221 20.74 33.64 5.21
N ALA C 222 20.75 34.86 5.74
CA ALA C 222 20.82 35.07 7.18
C ALA C 222 19.99 36.29 7.56
N PHE C 223 19.49 36.27 8.80
CA PHE C 223 18.76 37.41 9.36
C PHE C 223 19.25 37.64 10.78
N VAL C 224 19.79 38.83 11.04
CA VAL C 224 20.59 39.08 12.24
C VAL C 224 20.02 40.30 12.95
N SER C 225 19.80 40.17 14.25
CA SER C 225 19.54 41.30 15.13
C SER C 225 20.56 41.34 16.26
N ARG C 226 20.91 42.56 16.66
CA ARG C 226 22.01 42.83 17.57
C ARG C 226 21.56 42.96 19.03
N ASN C 227 20.31 42.61 19.32
CA ASN C 227 19.68 42.74 20.63
C ASN C 227 19.17 41.37 21.08
N GLN C 228 18.31 41.37 22.11
CA GLN C 228 17.70 40.13 22.61
C GLN C 228 18.70 39.16 23.23
N ARG C 229 18.99 39.38 24.52
CA ARG C 229 20.11 38.77 25.24
C ARG C 229 20.31 37.29 24.91
N GLN C 230 19.29 36.46 25.17
CA GLN C 230 19.42 35.02 25.01
C GLN C 230 19.98 34.66 23.64
N GLY C 231 20.95 33.75 23.65
CA GLY C 231 21.43 33.18 22.40
C GLY C 231 20.37 32.29 21.76
N LYS C 232 20.07 32.55 20.49
CA LYS C 232 19.49 31.56 19.60
C LYS C 232 20.25 31.57 18.27
N TYR C 233 20.90 30.45 17.96
CA TYR C 233 21.25 30.11 16.57
C TYR C 233 20.31 29.03 16.07
N TYR C 234 19.53 29.37 15.05
CA TYR C 234 18.84 28.38 14.22
C TYR C 234 19.55 28.27 12.88
N VAL C 235 19.73 27.04 12.40
CA VAL C 235 20.39 26.78 11.13
C VAL C 235 19.66 25.65 10.43
N PHE C 236 19.36 25.84 9.15
CA PHE C 236 18.67 24.85 8.32
C PHE C 236 19.57 24.46 7.16
N ILE C 237 19.90 23.17 7.07
CA ILE C 237 20.67 22.63 5.96
C ILE C 237 19.72 21.86 5.06
N ASN C 238 19.76 22.18 3.76
CA ASN C 238 18.60 22.21 2.87
C ASN C 238 17.40 22.79 3.60
N LYS C 239 16.26 22.09 3.60
CA LYS C 239 15.10 22.48 4.38
C LYS C 239 15.01 21.78 5.72
N ARG C 240 16.03 20.92 6.08
CA ARG C 240 15.96 20.24 7.37
C ARG C 240 16.67 21.07 8.44
N PRO C 241 16.12 21.13 9.66
CA PRO C 241 16.82 21.80 10.75
C PRO C 241 17.98 20.98 11.27
N ILE C 242 19.03 21.68 11.69
CA ILE C 242 20.26 21.06 12.17
C ILE C 242 20.59 21.65 13.54
N GLN C 243 20.83 20.77 14.51
CA GLN C 243 21.11 21.16 15.89
C GLN C 243 22.59 21.25 16.19
N ASN C 244 23.45 21.07 15.18
CA ASN C 244 24.87 20.79 15.42
C ASN C 244 25.53 21.92 16.20
N LYS C 245 26.35 21.55 17.17
CA LYS C 245 26.99 22.52 18.05
C LYS C 245 28.17 23.20 17.39
N ASN C 246 28.88 22.50 16.50
CA ASN C 246 30.10 23.05 15.91
C ASN C 246 29.76 24.23 14.99
N LEU C 247 28.73 24.09 14.17
CA LEU C 247 28.42 25.13 13.20
C LEU C 247 27.99 26.42 13.88
N LYS C 248 27.31 26.32 15.02
CA LYS C 248 26.90 27.48 15.78
C LYS C 248 27.93 27.89 16.85
N GLU C 249 28.98 27.09 17.05
CA GLU C 249 30.24 27.64 17.56
C GLU C 249 30.88 28.58 16.55
N PHE C 250 30.93 28.17 15.28
CA PHE C 250 31.44 29.05 14.24
C PHE C 250 30.51 30.24 13.99
N LEU C 251 29.20 30.04 14.15
CA LEU C 251 28.29 31.18 14.13
C LEU C 251 28.50 32.10 15.32
N ARG C 252 28.97 31.54 16.45
CA ARG C 252 29.29 32.39 17.60
C ARG C 252 30.44 33.34 17.30
N LYS C 253 31.45 32.86 16.57
CA LYS C 253 32.62 33.69 16.33
C LYS C 253 32.40 34.69 15.21
N VAL C 254 31.73 34.28 14.13
CA VAL C 254 31.69 35.09 12.93
C VAL C 254 30.64 36.20 13.05
N PHE C 255 29.46 35.87 13.56
CA PHE C 255 28.46 36.87 13.89
C PHE C 255 28.60 37.30 15.35
N GLY C 256 27.71 38.17 15.80
CA GLY C 256 27.65 38.52 17.20
C GLY C 256 27.27 37.31 18.05
N TYR C 257 28.10 37.02 19.05
CA TYR C 257 27.88 35.85 19.91
C TYR C 257 26.69 36.04 20.85
N LYS C 258 26.10 37.23 20.88
CA LYS C 258 24.77 37.44 21.43
C LYS C 258 23.66 36.86 20.54
N THR C 259 23.99 36.39 19.34
CA THR C 259 23.44 35.15 18.79
C THR C 259 21.93 35.26 18.59
N LEU C 260 21.55 36.07 17.58
CA LEU C 260 20.24 35.91 16.97
C LEU C 260 20.24 35.19 15.62
N VAL C 261 21.40 34.94 15.00
CA VAL C 261 21.42 34.83 13.55
C VAL C 261 20.79 33.51 13.12
N VAL C 262 20.06 33.54 12.01
CA VAL C 262 19.29 32.40 11.54
C VAL C 262 19.59 32.20 10.07
N LEU C 263 20.17 31.04 9.73
CA LEU C 263 20.77 30.82 8.42
C LEU C 263 20.01 29.70 7.73
N TYR C 264 19.46 29.99 6.56
CA TYR C 264 18.92 28.98 5.66
C TYR C 264 19.97 28.64 4.61
N ALA C 265 20.28 27.36 4.47
CA ALA C 265 21.35 26.90 3.60
C ALA C 265 20.81 25.92 2.57
N GLU C 266 21.38 25.97 1.37
CA GLU C 266 21.05 25.04 0.29
C GLU C 266 22.35 24.54 -0.32
N LEU C 267 22.58 23.23 -0.26
CA LEU C 267 23.54 22.59 -1.15
C LEU C 267 22.90 21.34 -1.74
N PRO C 268 23.02 21.10 -3.04
CA PRO C 268 22.20 20.06 -3.69
C PRO C 268 22.60 18.65 -3.28
N PRO C 269 23.89 18.23 -3.50
CA PRO C 269 24.16 16.78 -3.54
C PRO C 269 24.76 16.21 -2.27
N PHE C 270 24.07 16.29 -1.13
CA PHE C 270 24.66 15.89 0.14
C PHE C 270 23.63 15.12 0.95
N MET C 271 24.07 14.63 2.12
CA MET C 271 23.57 13.36 2.62
C MET C 271 22.20 13.51 3.28
N VAL C 272 22.01 14.56 4.06
CA VAL C 272 21.31 14.51 5.35
C VAL C 272 20.96 13.08 5.78
N VAL C 283 22.95 16.40 9.80
CA VAL C 283 23.91 16.33 10.89
C VAL C 283 25.17 15.63 10.36
N ASN C 284 25.48 15.90 9.09
CA ASN C 284 26.30 15.00 8.27
C ASN C 284 27.56 15.72 7.84
N ILE C 285 28.39 15.00 7.08
CA ILE C 285 29.73 15.46 6.73
C ILE C 285 29.72 15.98 5.30
N LEU C 286 30.47 17.05 5.07
CA LEU C 286 30.47 17.80 3.82
C LEU C 286 31.93 18.08 3.48
N LYS C 287 32.16 18.97 2.53
CA LYS C 287 33.40 19.74 2.54
C LYS C 287 33.14 21.00 3.33
N GLU C 288 33.68 21.04 4.55
CA GLU C 288 33.35 22.07 5.52
C GLU C 288 34.40 23.16 5.61
N ARG C 289 35.49 23.07 4.84
CA ARG C 289 36.36 24.23 4.69
C ARG C 289 35.84 25.20 3.64
N LYS C 290 35.30 24.69 2.53
CA LYS C 290 34.70 25.57 1.53
C LYS C 290 33.29 26.01 1.92
N PHE C 291 32.54 25.14 2.61
CA PHE C 291 31.26 25.56 3.17
C PHE C 291 31.44 26.65 4.22
N LEU C 292 32.36 26.41 5.17
CA LEU C 292 32.60 27.38 6.24
C LEU C 292 33.26 28.65 5.72
N GLU C 293 34.07 28.55 4.68
CA GLU C 293 34.57 29.75 4.02
C GLU C 293 33.46 30.54 3.34
N LEU C 294 32.44 29.85 2.83
CA LEU C 294 31.31 30.57 2.23
C LEU C 294 30.41 31.17 3.30
N VAL C 295 30.35 30.57 4.49
CA VAL C 295 29.80 31.25 5.65
C VAL C 295 30.67 32.44 6.02
N ARG C 296 31.99 32.31 5.86
CA ARG C 296 32.90 33.41 6.16
C ARG C 296 32.74 34.57 5.18
N GLU C 297 32.09 34.34 4.04
CA GLU C 297 32.06 35.33 2.97
C GLU C 297 31.41 36.63 3.43
N LEU C 298 30.21 36.53 4.01
CA LEU C 298 29.35 37.71 4.11
C LEU C 298 29.88 38.71 5.13
N ALA C 299 30.63 38.24 6.12
CA ALA C 299 31.28 39.10 7.10
C ALA C 299 30.28 40.02 7.78
N GLY C 300 30.48 41.33 7.63
CA GLY C 300 29.43 42.28 8.00
C GLY C 300 28.19 42.15 7.13
N LYS C 301 28.36 42.25 5.82
CA LYS C 301 27.23 42.39 4.90
C LYS C 301 27.19 41.27 3.88
C1 PEG D . 1.72 1.15 -31.14
O1 PEG D . 3.07 1.45 -31.51
C2 PEG D . 1.15 0.17 -32.15
O2 PEG D . 0.23 -0.72 -31.53
C3 PEG D . -0.97 -0.85 -32.28
C4 PEG D . -1.85 -1.93 -31.63
O4 PEG D . -3.17 -1.92 -32.19
C1 PEG E . -0.79 10.27 0.73
O1 PEG E . -2.06 10.23 1.41
C2 PEG E . -0.32 11.71 0.63
O2 PEG E . 0.88 11.74 -0.14
C3 PEG E . 0.91 12.87 -1.02
C4 PEG E . 2.14 12.78 -1.90
O4 PEG E . 2.07 13.80 -2.91
#